data_1IAN
# 
_entry.id   1IAN 
# 
_audit_conform.dict_name       mmcif_pdbx.dic 
_audit_conform.dict_version    5.389 
_audit_conform.dict_location   http://mmcif.pdb.org/dictionaries/ascii/mmcif_pdbx.dic 
# 
loop_
_database_2.database_id 
_database_2.database_code 
_database_2.pdbx_database_accession 
_database_2.pdbx_DOI 
PDB   1IAN         pdb_00001ian 10.2210/pdb1ian/pdb 
WWPDB D_1000174092 ?            ?                   
# 
loop_
_pdbx_audit_revision_history.ordinal 
_pdbx_audit_revision_history.data_content_type 
_pdbx_audit_revision_history.major_revision 
_pdbx_audit_revision_history.minor_revision 
_pdbx_audit_revision_history.revision_date 
1 'Structure model' 1 0 1998-05-06 
2 'Structure model' 1 1 2008-03-24 
3 'Structure model' 1 2 2011-07-13 
4 'Structure model' 1 3 2024-02-07 
5 'Structure model' 1 4 2024-04-03 
# 
_pdbx_audit_revision_details.ordinal             1 
_pdbx_audit_revision_details.revision_ordinal    1 
_pdbx_audit_revision_details.data_content_type   'Structure model' 
_pdbx_audit_revision_details.provider            repository 
_pdbx_audit_revision_details.type                'Initial release' 
_pdbx_audit_revision_details.description         ? 
_pdbx_audit_revision_details.details             ? 
# 
loop_
_pdbx_audit_revision_group.ordinal 
_pdbx_audit_revision_group.revision_ordinal 
_pdbx_audit_revision_group.data_content_type 
_pdbx_audit_revision_group.group 
1 2 'Structure model' 'Version format compliance' 
2 3 'Structure model' 'Version format compliance' 
3 4 'Structure model' 'Data collection'           
4 4 'Structure model' 'Database references'       
5 4 'Structure model' 'Derived calculations'      
6 5 'Structure model' 'Refinement description'    
# 
loop_
_pdbx_audit_revision_category.ordinal 
_pdbx_audit_revision_category.revision_ordinal 
_pdbx_audit_revision_category.data_content_type 
_pdbx_audit_revision_category.category 
1 4 'Structure model' chem_comp_atom                
2 4 'Structure model' chem_comp_bond                
3 4 'Structure model' database_2                    
4 4 'Structure model' struct_site                   
5 5 'Structure model' pdbx_initial_refinement_model 
# 
loop_
_pdbx_audit_revision_item.ordinal 
_pdbx_audit_revision_item.revision_ordinal 
_pdbx_audit_revision_item.data_content_type 
_pdbx_audit_revision_item.item 
1 4 'Structure model' '_database_2.pdbx_DOI'                
2 4 'Structure model' '_database_2.pdbx_database_accession' 
3 4 'Structure model' '_struct_site.pdbx_auth_asym_id'      
4 4 'Structure model' '_struct_site.pdbx_auth_comp_id'      
5 4 'Structure model' '_struct_site.pdbx_auth_seq_id'       
# 
_pdbx_database_status.status_code                     REL 
_pdbx_database_status.entry_id                        1IAN 
_pdbx_database_status.recvd_initial_deposition_date   1997-03-07 
_pdbx_database_status.deposit_site                    ? 
_pdbx_database_status.process_site                    BNL 
_pdbx_database_status.SG_entry                        . 
_pdbx_database_status.pdb_format_compatible           Y 
_pdbx_database_status.status_code_mr                  ? 
_pdbx_database_status.status_code_sf                  ? 
_pdbx_database_status.status_code_cs                  ? 
_pdbx_database_status.status_code_nmr_data            ? 
_pdbx_database_status.methods_development_category    ? 
# 
_audit_author.name           'Tong, L.' 
_audit_author.pdbx_ordinal   1 
# 
loop_
_citation.id 
_citation.title 
_citation.journal_abbrev 
_citation.journal_volume 
_citation.page_first 
_citation.page_last 
_citation.year 
_citation.journal_id_ASTM 
_citation.country 
_citation.journal_id_ISSN 
_citation.journal_id_CSD 
_citation.book_publisher 
_citation.pdbx_database_id_PubMed 
_citation.pdbx_database_id_DOI 
primary 'A highly specific inhibitor of human p38 MAP kinase binds in the ATP pocket.'                                           
Nat.Struct.Biol. 4   311 316 1997 NSBIEW US 1072-8368 2024 ? 9095200 10.1038/nsb0497-311 
1       'Sb 203580 is a Specific Inhibitor of a Map Kinase Homologue which is Stimulated by Cellular Stresses and Interleukin-1' 
'FEBS Lett.'     364 229 ?   1995 FEBLAL NE 0014-5793 0165 ? ?       ?                   
# 
loop_
_citation_author.citation_id 
_citation_author.name 
_citation_author.ordinal 
_citation_author.identifier_ORCID 
primary 'Tong, L.'        1  ? 
primary 'Pav, S.'         2  ? 
primary 'White, D.M.'     3  ? 
primary 'Rogers, S.'      4  ? 
primary 'Crane, K.M.'     5  ? 
primary 'Cywin, C.L.'     6  ? 
primary 'Brown, M.L.'     7  ? 
primary 'Pargellis, C.A.' 8  ? 
1       'Cuenda, A.'      9  ? 
1       'Rouse, J.'       10 ? 
1       'Doza, Y.N.'      11 ? 
1       'Meier, R.'       12 ? 
1       'Cohen, P.'       13 ? 
1       'Gallagher, T.F.' 14 ? 
1       'Young, P.R.'     15 ? 
1       'Lee, J.C.'       16 ? 
# 
loop_
_entity.id 
_entity.type 
_entity.src_method 
_entity.pdbx_description 
_entity.formula_weight 
_entity.pdbx_number_of_molecules 
_entity.pdbx_ec 
_entity.pdbx_mutation 
_entity.pdbx_fragment 
_entity.details 
1 polymer     man 'P38 MAP KINASE'                                                               42105.004 1 2.7.1.- 
'N-TERMINAL HIS-TAG' ? ? 
2 non-polymer syn '4-[5-(3-IODO-PHENYL)-2-(4-METHANESULFINYL-PHENYL)-1H-IMIDAZOL-4-YL]-PYRIDINE' 485.341   3 ?       ? ? ? 
# 
_entity_name_com.entity_id   1 
_entity_name_com.name        'CSBP, RK, P38' 
# 
_entity_poly.entity_id                      1 
_entity_poly.type                           'polypeptide(L)' 
_entity_poly.nstd_linkage                   no 
_entity_poly.nstd_monomer                   no 
_entity_poly.pdbx_seq_one_letter_code       
;MAHHHHHSQERPTFYRQELNKTIWEVPERYQNLSPVGSGAYGSVCAAFDTKTGLRVAVKKLSRPFQSIIHAKRTYRELRL
LKHMKHENVIGLLDVFTPARSLEEFNDVYLVTHLMGADLNNIVKCQKLTDDHVQFLIYQILRGLKYIHSADIIHRDLKPS
NLAVNEDCELKILDFGLARHTDDEMTGYVATRWYRAPEIMLNWMHYNQTVDIWSVGCIMAELLTGRTLFPGTDHIDQLKL
ILRLVGTPGAELLKKISSESARNYIQSLTQMPKMNFANVFIGANPLAVDLLEKMLVLDSDKRITAAQALAHAYFAQYHDP
DDEPVADPYDQSFESRDLLIDEWKSLTYDEVISFVPPPLDQEEMES
;
_entity_poly.pdbx_seq_one_letter_code_can   
;MAHHHHHSQERPTFYRQELNKTIWEVPERYQNLSPVGSGAYGSVCAAFDTKTGLRVAVKKLSRPFQSIIHAKRTYRELRL
LKHMKHENVIGLLDVFTPARSLEEFNDVYLVTHLMGADLNNIVKCQKLTDDHVQFLIYQILRGLKYIHSADIIHRDLKPS
NLAVNEDCELKILDFGLARHTDDEMTGYVATRWYRAPEIMLNWMHYNQTVDIWSVGCIMAELLTGRTLFPGTDHIDQLKL
ILRLVGTPGAELLKKISSESARNYIQSLTQMPKMNFANVFIGANPLAVDLLEKMLVLDSDKRITAAQALAHAYFAQYHDP
DDEPVADPYDQSFESRDLLIDEWKSLTYDEVISFVPPPLDQEEMES
;
_entity_poly.pdbx_strand_id                 A 
_entity_poly.pdbx_target_identifier         ? 
# 
_pdbx_entity_nonpoly.entity_id   2 
_pdbx_entity_nonpoly.name        '4-[5-(3-IODO-PHENYL)-2-(4-METHANESULFINYL-PHENYL)-1H-IMIDAZOL-4-YL]-PYRIDINE' 
_pdbx_entity_nonpoly.comp_id     D13 
# 
loop_
_entity_poly_seq.entity_id 
_entity_poly_seq.num 
_entity_poly_seq.mon_id 
_entity_poly_seq.hetero 
1 1   MET n 
1 2   ALA n 
1 3   HIS n 
1 4   HIS n 
1 5   HIS n 
1 6   HIS n 
1 7   HIS n 
1 8   SER n 
1 9   GLN n 
1 10  GLU n 
1 11  ARG n 
1 12  PRO n 
1 13  THR n 
1 14  PHE n 
1 15  TYR n 
1 16  ARG n 
1 17  GLN n 
1 18  GLU n 
1 19  LEU n 
1 20  ASN n 
1 21  LYS n 
1 22  THR n 
1 23  ILE n 
1 24  TRP n 
1 25  GLU n 
1 26  VAL n 
1 27  PRO n 
1 28  GLU n 
1 29  ARG n 
1 30  TYR n 
1 31  GLN n 
1 32  ASN n 
1 33  LEU n 
1 34  SER n 
1 35  PRO n 
1 36  VAL n 
1 37  GLY n 
1 38  SER n 
1 39  GLY n 
1 40  ALA n 
1 41  TYR n 
1 42  GLY n 
1 43  SER n 
1 44  VAL n 
1 45  CYS n 
1 46  ALA n 
1 47  ALA n 
1 48  PHE n 
1 49  ASP n 
1 50  THR n 
1 51  LYS n 
1 52  THR n 
1 53  GLY n 
1 54  LEU n 
1 55  ARG n 
1 56  VAL n 
1 57  ALA n 
1 58  VAL n 
1 59  LYS n 
1 60  LYS n 
1 61  LEU n 
1 62  SER n 
1 63  ARG n 
1 64  PRO n 
1 65  PHE n 
1 66  GLN n 
1 67  SER n 
1 68  ILE n 
1 69  ILE n 
1 70  HIS n 
1 71  ALA n 
1 72  LYS n 
1 73  ARG n 
1 74  THR n 
1 75  TYR n 
1 76  ARG n 
1 77  GLU n 
1 78  LEU n 
1 79  ARG n 
1 80  LEU n 
1 81  LEU n 
1 82  LYS n 
1 83  HIS n 
1 84  MET n 
1 85  LYS n 
1 86  HIS n 
1 87  GLU n 
1 88  ASN n 
1 89  VAL n 
1 90  ILE n 
1 91  GLY n 
1 92  LEU n 
1 93  LEU n 
1 94  ASP n 
1 95  VAL n 
1 96  PHE n 
1 97  THR n 
1 98  PRO n 
1 99  ALA n 
1 100 ARG n 
1 101 SER n 
1 102 LEU n 
1 103 GLU n 
1 104 GLU n 
1 105 PHE n 
1 106 ASN n 
1 107 ASP n 
1 108 VAL n 
1 109 TYR n 
1 110 LEU n 
1 111 VAL n 
1 112 THR n 
1 113 HIS n 
1 114 LEU n 
1 115 MET n 
1 116 GLY n 
1 117 ALA n 
1 118 ASP n 
1 119 LEU n 
1 120 ASN n 
1 121 ASN n 
1 122 ILE n 
1 123 VAL n 
1 124 LYS n 
1 125 CYS n 
1 126 GLN n 
1 127 LYS n 
1 128 LEU n 
1 129 THR n 
1 130 ASP n 
1 131 ASP n 
1 132 HIS n 
1 133 VAL n 
1 134 GLN n 
1 135 PHE n 
1 136 LEU n 
1 137 ILE n 
1 138 TYR n 
1 139 GLN n 
1 140 ILE n 
1 141 LEU n 
1 142 ARG n 
1 143 GLY n 
1 144 LEU n 
1 145 LYS n 
1 146 TYR n 
1 147 ILE n 
1 148 HIS n 
1 149 SER n 
1 150 ALA n 
1 151 ASP n 
1 152 ILE n 
1 153 ILE n 
1 154 HIS n 
1 155 ARG n 
1 156 ASP n 
1 157 LEU n 
1 158 LYS n 
1 159 PRO n 
1 160 SER n 
1 161 ASN n 
1 162 LEU n 
1 163 ALA n 
1 164 VAL n 
1 165 ASN n 
1 166 GLU n 
1 167 ASP n 
1 168 CYS n 
1 169 GLU n 
1 170 LEU n 
1 171 LYS n 
1 172 ILE n 
1 173 LEU n 
1 174 ASP n 
1 175 PHE n 
1 176 GLY n 
1 177 LEU n 
1 178 ALA n 
1 179 ARG n 
1 180 HIS n 
1 181 THR n 
1 182 ASP n 
1 183 ASP n 
1 184 GLU n 
1 185 MET n 
1 186 THR n 
1 187 GLY n 
1 188 TYR n 
1 189 VAL n 
1 190 ALA n 
1 191 THR n 
1 192 ARG n 
1 193 TRP n 
1 194 TYR n 
1 195 ARG n 
1 196 ALA n 
1 197 PRO n 
1 198 GLU n 
1 199 ILE n 
1 200 MET n 
1 201 LEU n 
1 202 ASN n 
1 203 TRP n 
1 204 MET n 
1 205 HIS n 
1 206 TYR n 
1 207 ASN n 
1 208 GLN n 
1 209 THR n 
1 210 VAL n 
1 211 ASP n 
1 212 ILE n 
1 213 TRP n 
1 214 SER n 
1 215 VAL n 
1 216 GLY n 
1 217 CYS n 
1 218 ILE n 
1 219 MET n 
1 220 ALA n 
1 221 GLU n 
1 222 LEU n 
1 223 LEU n 
1 224 THR n 
1 225 GLY n 
1 226 ARG n 
1 227 THR n 
1 228 LEU n 
1 229 PHE n 
1 230 PRO n 
1 231 GLY n 
1 232 THR n 
1 233 ASP n 
1 234 HIS n 
1 235 ILE n 
1 236 ASP n 
1 237 GLN n 
1 238 LEU n 
1 239 LYS n 
1 240 LEU n 
1 241 ILE n 
1 242 LEU n 
1 243 ARG n 
1 244 LEU n 
1 245 VAL n 
1 246 GLY n 
1 247 THR n 
1 248 PRO n 
1 249 GLY n 
1 250 ALA n 
1 251 GLU n 
1 252 LEU n 
1 253 LEU n 
1 254 LYS n 
1 255 LYS n 
1 256 ILE n 
1 257 SER n 
1 258 SER n 
1 259 GLU n 
1 260 SER n 
1 261 ALA n 
1 262 ARG n 
1 263 ASN n 
1 264 TYR n 
1 265 ILE n 
1 266 GLN n 
1 267 SER n 
1 268 LEU n 
1 269 THR n 
1 270 GLN n 
1 271 MET n 
1 272 PRO n 
1 273 LYS n 
1 274 MET n 
1 275 ASN n 
1 276 PHE n 
1 277 ALA n 
1 278 ASN n 
1 279 VAL n 
1 280 PHE n 
1 281 ILE n 
1 282 GLY n 
1 283 ALA n 
1 284 ASN n 
1 285 PRO n 
1 286 LEU n 
1 287 ALA n 
1 288 VAL n 
1 289 ASP n 
1 290 LEU n 
1 291 LEU n 
1 292 GLU n 
1 293 LYS n 
1 294 MET n 
1 295 LEU n 
1 296 VAL n 
1 297 LEU n 
1 298 ASP n 
1 299 SER n 
1 300 ASP n 
1 301 LYS n 
1 302 ARG n 
1 303 ILE n 
1 304 THR n 
1 305 ALA n 
1 306 ALA n 
1 307 GLN n 
1 308 ALA n 
1 309 LEU n 
1 310 ALA n 
1 311 HIS n 
1 312 ALA n 
1 313 TYR n 
1 314 PHE n 
1 315 ALA n 
1 316 GLN n 
1 317 TYR n 
1 318 HIS n 
1 319 ASP n 
1 320 PRO n 
1 321 ASP n 
1 322 ASP n 
1 323 GLU n 
1 324 PRO n 
1 325 VAL n 
1 326 ALA n 
1 327 ASP n 
1 328 PRO n 
1 329 TYR n 
1 330 ASP n 
1 331 GLN n 
1 332 SER n 
1 333 PHE n 
1 334 GLU n 
1 335 SER n 
1 336 ARG n 
1 337 ASP n 
1 338 LEU n 
1 339 LEU n 
1 340 ILE n 
1 341 ASP n 
1 342 GLU n 
1 343 TRP n 
1 344 LYS n 
1 345 SER n 
1 346 LEU n 
1 347 THR n 
1 348 TYR n 
1 349 ASP n 
1 350 GLU n 
1 351 VAL n 
1 352 ILE n 
1 353 SER n 
1 354 PHE n 
1 355 VAL n 
1 356 PRO n 
1 357 PRO n 
1 358 PRO n 
1 359 LEU n 
1 360 ASP n 
1 361 GLN n 
1 362 GLU n 
1 363 GLU n 
1 364 MET n 
1 365 GLU n 
1 366 SER n 
# 
_entity_src_gen.entity_id                          1 
_entity_src_gen.pdbx_src_id                        1 
_entity_src_gen.pdbx_alt_source_flag               sample 
_entity_src_gen.pdbx_seq_type                      ? 
_entity_src_gen.pdbx_beg_seq_num                   ? 
_entity_src_gen.pdbx_end_seq_num                   ? 
_entity_src_gen.gene_src_common_name               human 
_entity_src_gen.gene_src_genus                     Homo 
_entity_src_gen.pdbx_gene_src_gene                 ? 
_entity_src_gen.gene_src_species                   ? 
_entity_src_gen.gene_src_strain                    ? 
_entity_src_gen.gene_src_tissue                    ? 
_entity_src_gen.gene_src_tissue_fraction           ? 
_entity_src_gen.gene_src_details                   ? 
_entity_src_gen.pdbx_gene_src_fragment             ? 
_entity_src_gen.pdbx_gene_src_scientific_name      'Homo sapiens' 
_entity_src_gen.pdbx_gene_src_ncbi_taxonomy_id     9606 
_entity_src_gen.pdbx_gene_src_variant              ? 
_entity_src_gen.pdbx_gene_src_cell_line            B834 
_entity_src_gen.pdbx_gene_src_atcc                 ? 
_entity_src_gen.pdbx_gene_src_organ                ? 
_entity_src_gen.pdbx_gene_src_organelle            ? 
_entity_src_gen.pdbx_gene_src_cell                 ? 
_entity_src_gen.pdbx_gene_src_cellular_location    CYTOPLASM 
_entity_src_gen.host_org_common_name               ? 
_entity_src_gen.pdbx_host_org_scientific_name      'Escherichia coli' 
_entity_src_gen.pdbx_host_org_ncbi_taxonomy_id     562 
_entity_src_gen.host_org_genus                     Escherichia 
_entity_src_gen.pdbx_host_org_gene                 ? 
_entity_src_gen.pdbx_host_org_organ                ? 
_entity_src_gen.host_org_species                   ? 
_entity_src_gen.pdbx_host_org_tissue               ? 
_entity_src_gen.pdbx_host_org_tissue_fraction      ? 
_entity_src_gen.pdbx_host_org_strain               'B834 (DE3) PLYSS' 
_entity_src_gen.pdbx_host_org_variant              ? 
_entity_src_gen.pdbx_host_org_cell_line            ? 
_entity_src_gen.pdbx_host_org_atcc                 ? 
_entity_src_gen.pdbx_host_org_culture_collection   ? 
_entity_src_gen.pdbx_host_org_cell                 ? 
_entity_src_gen.pdbx_host_org_organelle            ? 
_entity_src_gen.pdbx_host_org_cellular_location    ? 
_entity_src_gen.pdbx_host_org_vector_type          ? 
_entity_src_gen.pdbx_host_org_vector               ? 
_entity_src_gen.host_org_details                   ? 
_entity_src_gen.expression_system_id               ? 
_entity_src_gen.plasmid_name                       ? 
_entity_src_gen.plasmid_details                    ? 
_entity_src_gen.pdbx_description                   ? 
# 
loop_
_chem_comp.id 
_chem_comp.type 
_chem_comp.mon_nstd_flag 
_chem_comp.name 
_chem_comp.pdbx_synonyms 
_chem_comp.formula 
_chem_comp.formula_weight 
ALA 'L-peptide linking' y ALANINE                                                                        ? 'C3 H7 N O2'       
89.093  
ARG 'L-peptide linking' y ARGININE                                                                       ? 'C6 H15 N4 O2 1'   
175.209 
ASN 'L-peptide linking' y ASPARAGINE                                                                     ? 'C4 H8 N2 O3'      
132.118 
ASP 'L-peptide linking' y 'ASPARTIC ACID'                                                                ? 'C4 H7 N O4'       
133.103 
CYS 'L-peptide linking' y CYSTEINE                                                                       ? 'C3 H7 N O2 S'     
121.158 
D13 non-polymer         . '4-[5-(3-IODO-PHENYL)-2-(4-METHANESULFINYL-PHENYL)-1H-IMIDAZOL-4-YL]-PYRIDINE' ? 'C21 H16 I N3 O S' 
485.341 
GLN 'L-peptide linking' y GLUTAMINE                                                                      ? 'C5 H10 N2 O3'     
146.144 
GLU 'L-peptide linking' y 'GLUTAMIC ACID'                                                                ? 'C5 H9 N O4'       
147.129 
GLY 'peptide linking'   y GLYCINE                                                                        ? 'C2 H5 N O2'       
75.067  
HIS 'L-peptide linking' y HISTIDINE                                                                      ? 'C6 H10 N3 O2 1'   
156.162 
ILE 'L-peptide linking' y ISOLEUCINE                                                                     ? 'C6 H13 N O2'      
131.173 
LEU 'L-peptide linking' y LEUCINE                                                                        ? 'C6 H13 N O2'      
131.173 
LYS 'L-peptide linking' y LYSINE                                                                         ? 'C6 H15 N2 O2 1'   
147.195 
MET 'L-peptide linking' y METHIONINE                                                                     ? 'C5 H11 N O2 S'    
149.211 
PHE 'L-peptide linking' y PHENYLALANINE                                                                  ? 'C9 H11 N O2'      
165.189 
PRO 'L-peptide linking' y PROLINE                                                                        ? 'C5 H9 N O2'       
115.130 
SER 'L-peptide linking' y SERINE                                                                         ? 'C3 H7 N O3'       
105.093 
THR 'L-peptide linking' y THREONINE                                                                      ? 'C4 H9 N O3'       
119.119 
TRP 'L-peptide linking' y TRYPTOPHAN                                                                     ? 'C11 H12 N2 O2'    
204.225 
TYR 'L-peptide linking' y TYROSINE                                                                       ? 'C9 H11 N O3'      
181.189 
VAL 'L-peptide linking' y VALINE                                                                         ? 'C5 H11 N O2'      
117.146 
# 
loop_
_pdbx_poly_seq_scheme.asym_id 
_pdbx_poly_seq_scheme.entity_id 
_pdbx_poly_seq_scheme.seq_id 
_pdbx_poly_seq_scheme.mon_id 
_pdbx_poly_seq_scheme.ndb_seq_num 
_pdbx_poly_seq_scheme.pdb_seq_num 
_pdbx_poly_seq_scheme.auth_seq_num 
_pdbx_poly_seq_scheme.pdb_mon_id 
_pdbx_poly_seq_scheme.auth_mon_id 
_pdbx_poly_seq_scheme.pdb_strand_id 
_pdbx_poly_seq_scheme.pdb_ins_code 
_pdbx_poly_seq_scheme.hetero 
A 1 1   MET 1   -5  ?   ?   ?   A . n 
A 1 2   ALA 2   -4  ?   ?   ?   A . n 
A 1 3   HIS 3   -3  ?   ?   ?   A . n 
A 1 4   HIS 4   -2  ?   ?   ?   A . n 
A 1 5   HIS 5   -1  ?   ?   ?   A . n 
A 1 6   HIS 6   0   ?   ?   ?   A . n 
A 1 7   HIS 7   1   ?   ?   ?   A . n 
A 1 8   SER 8   2   ?   ?   ?   A . n 
A 1 9   GLN 9   3   ?   ?   ?   A . n 
A 1 10  GLU 10  4   ?   ?   ?   A . n 
A 1 11  ARG 11  5   5   ARG ARG A . n 
A 1 12  PRO 12  6   6   PRO PRO A . n 
A 1 13  THR 13  7   7   THR THR A . n 
A 1 14  PHE 14  8   8   PHE PHE A . n 
A 1 15  TYR 15  9   9   TYR TYR A . n 
A 1 16  ARG 16  10  10  ARG ARG A . n 
A 1 17  GLN 17  11  11  GLN GLN A . n 
A 1 18  GLU 18  12  12  GLU GLU A . n 
A 1 19  LEU 19  13  13  LEU LEU A . n 
A 1 20  ASN 20  14  14  ASN ASN A . n 
A 1 21  LYS 21  15  15  LYS LYS A . n 
A 1 22  THR 22  16  16  THR THR A . n 
A 1 23  ILE 23  17  17  ILE ILE A . n 
A 1 24  TRP 24  18  18  TRP TRP A . n 
A 1 25  GLU 25  19  19  GLU GLU A . n 
A 1 26  VAL 26  20  20  VAL VAL A . n 
A 1 27  PRO 27  21  21  PRO PRO A . n 
A 1 28  GLU 28  22  22  GLU GLU A . n 
A 1 29  ARG 29  23  23  ARG ARG A . n 
A 1 30  TYR 30  24  24  TYR TYR A . n 
A 1 31  GLN 31  25  25  GLN GLN A . n 
A 1 32  ASN 32  26  26  ASN ASN A . n 
A 1 33  LEU 33  27  27  LEU LEU A . n 
A 1 34  SER 34  28  28  SER SER A . n 
A 1 35  PRO 35  29  29  PRO PRO A . n 
A 1 36  VAL 36  30  30  VAL VAL A . n 
A 1 37  GLY 37  31  31  GLY GLY A . n 
A 1 38  SER 38  32  32  SER SER A . n 
A 1 39  GLY 39  33  33  GLY GLY A . n 
A 1 40  ALA 40  34  34  ALA ALA A . n 
A 1 41  TYR 41  35  35  TYR TYR A . n 
A 1 42  GLY 42  36  36  GLY GLY A . n 
A 1 43  SER 43  37  37  SER SER A . n 
A 1 44  VAL 44  38  38  VAL VAL A . n 
A 1 45  CYS 45  39  39  CYS CYS A . n 
A 1 46  ALA 46  40  40  ALA ALA A . n 
A 1 47  ALA 47  41  41  ALA ALA A . n 
A 1 48  PHE 48  42  42  PHE PHE A . n 
A 1 49  ASP 49  43  43  ASP ASP A . n 
A 1 50  THR 50  44  44  THR THR A . n 
A 1 51  LYS 51  45  45  LYS LYS A . n 
A 1 52  THR 52  46  46  THR THR A . n 
A 1 53  GLY 53  47  47  GLY GLY A . n 
A 1 54  LEU 54  48  48  LEU LEU A . n 
A 1 55  ARG 55  49  49  ARG ARG A . n 
A 1 56  VAL 56  50  50  VAL VAL A . n 
A 1 57  ALA 57  51  51  ALA ALA A . n 
A 1 58  VAL 58  52  52  VAL VAL A . n 
A 1 59  LYS 59  53  53  LYS LYS A . n 
A 1 60  LYS 60  54  54  LYS LYS A . n 
A 1 61  LEU 61  55  55  LEU LEU A . n 
A 1 62  SER 62  56  56  SER SER A . n 
A 1 63  ARG 63  57  57  ARG ARG A . n 
A 1 64  PRO 64  58  58  PRO PRO A . n 
A 1 65  PHE 65  59  59  PHE PHE A . n 
A 1 66  GLN 66  60  60  GLN GLN A . n 
A 1 67  SER 67  61  61  SER SER A . n 
A 1 68  ILE 68  62  62  ILE ILE A . n 
A 1 69  ILE 69  63  63  ILE ILE A . n 
A 1 70  HIS 70  64  64  HIS HIS A . n 
A 1 71  ALA 71  65  65  ALA ALA A . n 
A 1 72  LYS 72  66  66  LYS LYS A . n 
A 1 73  ARG 73  67  67  ARG ARG A . n 
A 1 74  THR 74  68  68  THR THR A . n 
A 1 75  TYR 75  69  69  TYR TYR A . n 
A 1 76  ARG 76  70  70  ARG ARG A . n 
A 1 77  GLU 77  71  71  GLU GLU A . n 
A 1 78  LEU 78  72  72  LEU LEU A . n 
A 1 79  ARG 79  73  73  ARG ARG A . n 
A 1 80  LEU 80  74  74  LEU LEU A . n 
A 1 81  LEU 81  75  75  LEU LEU A . n 
A 1 82  LYS 82  76  76  LYS LYS A . n 
A 1 83  HIS 83  77  77  HIS HIS A . n 
A 1 84  MET 84  78  78  MET MET A . n 
A 1 85  LYS 85  79  79  LYS LYS A . n 
A 1 86  HIS 86  80  80  HIS HIS A . n 
A 1 87  GLU 87  81  81  GLU GLU A . n 
A 1 88  ASN 88  82  82  ASN ASN A . n 
A 1 89  VAL 89  83  83  VAL VAL A . n 
A 1 90  ILE 90  84  84  ILE ILE A . n 
A 1 91  GLY 91  85  85  GLY GLY A . n 
A 1 92  LEU 92  86  86  LEU LEU A . n 
A 1 93  LEU 93  87  87  LEU LEU A . n 
A 1 94  ASP 94  88  88  ASP ASP A . n 
A 1 95  VAL 95  89  89  VAL VAL A . n 
A 1 96  PHE 96  90  90  PHE PHE A . n 
A 1 97  THR 97  91  91  THR THR A . n 
A 1 98  PRO 98  92  92  PRO PRO A . n 
A 1 99  ALA 99  93  93  ALA ALA A . n 
A 1 100 ARG 100 94  94  ARG ARG A . n 
A 1 101 SER 101 95  95  SER SER A . n 
A 1 102 LEU 102 96  96  LEU LEU A . n 
A 1 103 GLU 103 97  97  GLU GLU A . n 
A 1 104 GLU 104 98  98  GLU GLU A . n 
A 1 105 PHE 105 99  99  PHE PHE A . n 
A 1 106 ASN 106 100 100 ASN ASN A . n 
A 1 107 ASP 107 101 101 ASP ASP A . n 
A 1 108 VAL 108 102 102 VAL VAL A . n 
A 1 109 TYR 109 103 103 TYR TYR A . n 
A 1 110 LEU 110 104 104 LEU LEU A . n 
A 1 111 VAL 111 105 105 VAL VAL A . n 
A 1 112 THR 112 106 106 THR THR A . n 
A 1 113 HIS 113 107 107 HIS HIS A . n 
A 1 114 LEU 114 108 108 LEU LEU A . n 
A 1 115 MET 115 109 109 MET MET A . n 
A 1 116 GLY 116 110 110 GLY GLY A . n 
A 1 117 ALA 117 111 111 ALA ALA A . n 
A 1 118 ASP 118 112 112 ASP ASP A . n 
A 1 119 LEU 119 113 113 LEU LEU A . n 
A 1 120 ASN 120 114 114 ASN ASN A . n 
A 1 121 ASN 121 115 115 ASN ASN A . n 
A 1 122 ILE 122 116 116 ILE ILE A . n 
A 1 123 VAL 123 117 117 VAL VAL A . n 
A 1 124 LYS 124 118 ?   ?   ?   A . n 
A 1 125 CYS 125 119 ?   ?   ?   A . n 
A 1 126 GLN 126 120 ?   ?   ?   A . n 
A 1 127 LYS 127 121 ?   ?   ?   A . n 
A 1 128 LEU 128 122 ?   ?   ?   A . n 
A 1 129 THR 129 123 123 THR THR A . n 
A 1 130 ASP 130 124 124 ASP ASP A . n 
A 1 131 ASP 131 125 125 ASP ASP A . n 
A 1 132 HIS 132 126 126 HIS HIS A . n 
A 1 133 VAL 133 127 127 VAL VAL A . n 
A 1 134 GLN 134 128 128 GLN GLN A . n 
A 1 135 PHE 135 129 129 PHE PHE A . n 
A 1 136 LEU 136 130 130 LEU LEU A . n 
A 1 137 ILE 137 131 131 ILE ILE A . n 
A 1 138 TYR 138 132 132 TYR TYR A . n 
A 1 139 GLN 139 133 133 GLN GLN A . n 
A 1 140 ILE 140 134 134 ILE ILE A . n 
A 1 141 LEU 141 135 135 LEU LEU A . n 
A 1 142 ARG 142 136 136 ARG ARG A . n 
A 1 143 GLY 143 137 137 GLY GLY A . n 
A 1 144 LEU 144 138 138 LEU LEU A . n 
A 1 145 LYS 145 139 139 LYS LYS A . n 
A 1 146 TYR 146 140 140 TYR TYR A . n 
A 1 147 ILE 147 141 141 ILE ILE A . n 
A 1 148 HIS 148 142 142 HIS HIS A . n 
A 1 149 SER 149 143 143 SER SER A . n 
A 1 150 ALA 150 144 144 ALA ALA A . n 
A 1 151 ASP 151 145 145 ASP ASP A . n 
A 1 152 ILE 152 146 146 ILE ILE A . n 
A 1 153 ILE 153 147 147 ILE ILE A . n 
A 1 154 HIS 154 148 148 HIS HIS A . n 
A 1 155 ARG 155 149 149 ARG ARG A . n 
A 1 156 ASP 156 150 150 ASP ASP A . n 
A 1 157 LEU 157 151 151 LEU LEU A . n 
A 1 158 LYS 158 152 152 LYS LYS A . n 
A 1 159 PRO 159 153 153 PRO PRO A . n 
A 1 160 SER 160 154 154 SER SER A . n 
A 1 161 ASN 161 155 155 ASN ASN A . n 
A 1 162 LEU 162 156 156 LEU LEU A . n 
A 1 163 ALA 163 157 157 ALA ALA A . n 
A 1 164 VAL 164 158 158 VAL VAL A . n 
A 1 165 ASN 165 159 159 ASN ASN A . n 
A 1 166 GLU 166 160 160 GLU GLU A . n 
A 1 167 ASP 167 161 161 ASP ASP A . n 
A 1 168 CYS 168 162 162 CYS CYS A . n 
A 1 169 GLU 169 163 163 GLU GLU A . n 
A 1 170 LEU 170 164 164 LEU LEU A . n 
A 1 171 LYS 171 165 165 LYS LYS A . n 
A 1 172 ILE 172 166 166 ILE ILE A . n 
A 1 173 LEU 173 167 167 LEU LEU A . n 
A 1 174 ASP 174 168 168 ASP ASP A . n 
A 1 175 PHE 175 169 169 PHE PHE A . n 
A 1 176 GLY 176 170 ?   ?   ?   A . n 
A 1 177 LEU 177 171 ?   ?   ?   A . n 
A 1 178 ALA 178 172 ?   ?   ?   A . n 
A 1 179 ARG 179 173 ?   ?   ?   A . n 
A 1 180 HIS 180 174 ?   ?   ?   A . n 
A 1 181 THR 181 175 ?   ?   ?   A . n 
A 1 182 ASP 182 176 ?   ?   ?   A . n 
A 1 183 ASP 183 177 ?   ?   ?   A . n 
A 1 184 GLU 184 178 ?   ?   ?   A . n 
A 1 185 MET 185 179 ?   ?   ?   A . n 
A 1 186 THR 186 180 ?   ?   ?   A . n 
A 1 187 GLY 187 181 ?   ?   ?   A . n 
A 1 188 TYR 188 182 ?   ?   ?   A . n 
A 1 189 VAL 189 183 ?   ?   ?   A . n 
A 1 190 ALA 190 184 ?   ?   ?   A . n 
A 1 191 THR 191 185 185 THR THR A . n 
A 1 192 ARG 192 186 186 ARG ARG A . n 
A 1 193 TRP 193 187 187 TRP TRP A . n 
A 1 194 TYR 194 188 188 TYR TYR A . n 
A 1 195 ARG 195 189 189 ARG ARG A . n 
A 1 196 ALA 196 190 190 ALA ALA A . n 
A 1 197 PRO 197 191 191 PRO PRO A . n 
A 1 198 GLU 198 192 192 GLU GLU A . n 
A 1 199 ILE 199 193 193 ILE ILE A . n 
A 1 200 MET 200 194 194 MET MET A . n 
A 1 201 LEU 201 195 195 LEU LEU A . n 
A 1 202 ASN 202 196 196 ASN ASN A . n 
A 1 203 TRP 203 197 197 TRP TRP A . n 
A 1 204 MET 204 198 198 MET MET A . n 
A 1 205 HIS 205 199 199 HIS HIS A . n 
A 1 206 TYR 206 200 200 TYR TYR A . n 
A 1 207 ASN 207 201 201 ASN ASN A . n 
A 1 208 GLN 208 202 202 GLN GLN A . n 
A 1 209 THR 209 203 203 THR THR A . n 
A 1 210 VAL 210 204 204 VAL VAL A . n 
A 1 211 ASP 211 205 205 ASP ASP A . n 
A 1 212 ILE 212 206 206 ILE ILE A . n 
A 1 213 TRP 213 207 207 TRP TRP A . n 
A 1 214 SER 214 208 208 SER SER A . n 
A 1 215 VAL 215 209 209 VAL VAL A . n 
A 1 216 GLY 216 210 210 GLY GLY A . n 
A 1 217 CYS 217 211 211 CYS CYS A . n 
A 1 218 ILE 218 212 212 ILE ILE A . n 
A 1 219 MET 219 213 213 MET MET A . n 
A 1 220 ALA 220 214 214 ALA ALA A . n 
A 1 221 GLU 221 215 215 GLU GLU A . n 
A 1 222 LEU 222 216 216 LEU LEU A . n 
A 1 223 LEU 223 217 217 LEU LEU A . n 
A 1 224 THR 224 218 218 THR THR A . n 
A 1 225 GLY 225 219 219 GLY GLY A . n 
A 1 226 ARG 226 220 220 ARG ARG A . n 
A 1 227 THR 227 221 221 THR THR A . n 
A 1 228 LEU 228 222 222 LEU LEU A . n 
A 1 229 PHE 229 223 223 PHE PHE A . n 
A 1 230 PRO 230 224 224 PRO PRO A . n 
A 1 231 GLY 231 225 225 GLY GLY A . n 
A 1 232 THR 232 226 226 THR THR A . n 
A 1 233 ASP 233 227 227 ASP ASP A . n 
A 1 234 HIS 234 228 228 HIS HIS A . n 
A 1 235 ILE 235 229 229 ILE ILE A . n 
A 1 236 ASP 236 230 230 ASP ASP A . n 
A 1 237 GLN 237 231 231 GLN GLN A . n 
A 1 238 LEU 238 232 232 LEU LEU A . n 
A 1 239 LYS 239 233 233 LYS LYS A . n 
A 1 240 LEU 240 234 234 LEU LEU A . n 
A 1 241 ILE 241 235 235 ILE ILE A . n 
A 1 242 LEU 242 236 236 LEU LEU A . n 
A 1 243 ARG 243 237 237 ARG ARG A . n 
A 1 244 LEU 244 238 238 LEU LEU A . n 
A 1 245 VAL 245 239 239 VAL VAL A . n 
A 1 246 GLY 246 240 240 GLY GLY A . n 
A 1 247 THR 247 241 241 THR THR A . n 
A 1 248 PRO 248 242 242 PRO PRO A . n 
A 1 249 GLY 249 243 243 GLY GLY A . n 
A 1 250 ALA 250 244 244 ALA ALA A . n 
A 1 251 GLU 251 245 245 GLU GLU A . n 
A 1 252 LEU 252 246 246 LEU LEU A . n 
A 1 253 LEU 253 247 247 LEU LEU A . n 
A 1 254 LYS 254 248 248 LYS LYS A . n 
A 1 255 LYS 255 249 249 LYS LYS A . n 
A 1 256 ILE 256 250 250 ILE ILE A . n 
A 1 257 SER 257 251 251 SER SER A . n 
A 1 258 SER 258 252 252 SER SER A . n 
A 1 259 GLU 259 253 253 GLU GLU A . n 
A 1 260 SER 260 254 254 SER SER A . n 
A 1 261 ALA 261 255 255 ALA ALA A . n 
A 1 262 ARG 262 256 256 ARG ARG A . n 
A 1 263 ASN 263 257 257 ASN ASN A . n 
A 1 264 TYR 264 258 258 TYR TYR A . n 
A 1 265 ILE 265 259 259 ILE ILE A . n 
A 1 266 GLN 266 260 260 GLN GLN A . n 
A 1 267 SER 267 261 261 SER SER A . n 
A 1 268 LEU 268 262 262 LEU LEU A . n 
A 1 269 THR 269 263 263 THR THR A . n 
A 1 270 GLN 270 264 264 GLN GLN A . n 
A 1 271 MET 271 265 265 MET MET A . n 
A 1 272 PRO 272 266 266 PRO PRO A . n 
A 1 273 LYS 273 267 267 LYS LYS A . n 
A 1 274 MET 274 268 268 MET MET A . n 
A 1 275 ASN 275 269 269 ASN ASN A . n 
A 1 276 PHE 276 270 270 PHE PHE A . n 
A 1 277 ALA 277 271 271 ALA ALA A . n 
A 1 278 ASN 278 272 272 ASN ASN A . n 
A 1 279 VAL 279 273 273 VAL VAL A . n 
A 1 280 PHE 280 274 274 PHE PHE A . n 
A 1 281 ILE 281 275 275 ILE ILE A . n 
A 1 282 GLY 282 276 276 GLY GLY A . n 
A 1 283 ALA 283 277 277 ALA ALA A . n 
A 1 284 ASN 284 278 278 ASN ASN A . n 
A 1 285 PRO 285 279 279 PRO PRO A . n 
A 1 286 LEU 286 280 280 LEU LEU A . n 
A 1 287 ALA 287 281 281 ALA ALA A . n 
A 1 288 VAL 288 282 282 VAL VAL A . n 
A 1 289 ASP 289 283 283 ASP ASP A . n 
A 1 290 LEU 290 284 284 LEU LEU A . n 
A 1 291 LEU 291 285 285 LEU LEU A . n 
A 1 292 GLU 292 286 286 GLU GLU A . n 
A 1 293 LYS 293 287 287 LYS LYS A . n 
A 1 294 MET 294 288 288 MET MET A . n 
A 1 295 LEU 295 289 289 LEU LEU A . n 
A 1 296 VAL 296 290 290 VAL VAL A . n 
A 1 297 LEU 297 291 291 LEU LEU A . n 
A 1 298 ASP 298 292 292 ASP ASP A . n 
A 1 299 SER 299 293 293 SER SER A . n 
A 1 300 ASP 300 294 294 ASP ASP A . n 
A 1 301 LYS 301 295 295 LYS LYS A . n 
A 1 302 ARG 302 296 296 ARG ARG A . n 
A 1 303 ILE 303 297 297 ILE ILE A . n 
A 1 304 THR 304 298 298 THR THR A . n 
A 1 305 ALA 305 299 299 ALA ALA A . n 
A 1 306 ALA 306 300 300 ALA ALA A . n 
A 1 307 GLN 307 301 301 GLN GLN A . n 
A 1 308 ALA 308 302 302 ALA ALA A . n 
A 1 309 LEU 309 303 303 LEU LEU A . n 
A 1 310 ALA 310 304 304 ALA ALA A . n 
A 1 311 HIS 311 305 305 HIS HIS A . n 
A 1 312 ALA 312 306 306 ALA ALA A . n 
A 1 313 TYR 313 307 307 TYR TYR A . n 
A 1 314 PHE 314 308 308 PHE PHE A . n 
A 1 315 ALA 315 309 309 ALA ALA A . n 
A 1 316 GLN 316 310 310 GLN GLN A . n 
A 1 317 TYR 317 311 311 TYR TYR A . n 
A 1 318 HIS 318 312 312 HIS HIS A . n 
A 1 319 ASP 319 313 313 ASP ASP A . n 
A 1 320 PRO 320 314 314 PRO PRO A . n 
A 1 321 ASP 321 315 315 ASP ASP A . n 
A 1 322 ASP 322 316 316 ASP ASP A . n 
A 1 323 GLU 323 317 317 GLU GLU A . n 
A 1 324 PRO 324 318 318 PRO PRO A . n 
A 1 325 VAL 325 319 319 VAL VAL A . n 
A 1 326 ALA 326 320 320 ALA ALA A . n 
A 1 327 ASP 327 321 321 ASP ASP A . n 
A 1 328 PRO 328 322 322 PRO PRO A . n 
A 1 329 TYR 329 323 323 TYR TYR A . n 
A 1 330 ASP 330 324 324 ASP ASP A . n 
A 1 331 GLN 331 325 325 GLN GLN A . n 
A 1 332 SER 332 326 326 SER SER A . n 
A 1 333 PHE 333 327 327 PHE PHE A . n 
A 1 334 GLU 334 328 328 GLU GLU A . n 
A 1 335 SER 335 329 329 SER SER A . n 
A 1 336 ARG 336 330 330 ARG ARG A . n 
A 1 337 ASP 337 331 331 ASP ASP A . n 
A 1 338 LEU 338 332 332 LEU LEU A . n 
A 1 339 LEU 339 333 333 LEU LEU A . n 
A 1 340 ILE 340 334 334 ILE ILE A . n 
A 1 341 ASP 341 335 335 ASP ASP A . n 
A 1 342 GLU 342 336 336 GLU GLU A . n 
A 1 343 TRP 343 337 337 TRP TRP A . n 
A 1 344 LYS 344 338 338 LYS LYS A . n 
A 1 345 SER 345 339 339 SER SER A . n 
A 1 346 LEU 346 340 340 LEU LEU A . n 
A 1 347 THR 347 341 341 THR THR A . n 
A 1 348 TYR 348 342 342 TYR TYR A . n 
A 1 349 ASP 349 343 343 ASP ASP A . n 
A 1 350 GLU 350 344 344 GLU GLU A . n 
A 1 351 VAL 351 345 345 VAL VAL A . n 
A 1 352 ILE 352 346 346 ILE ILE A . n 
A 1 353 SER 353 347 347 SER SER A . n 
A 1 354 PHE 354 348 348 PHE PHE A . n 
A 1 355 VAL 355 349 349 VAL VAL A . n 
A 1 356 PRO 356 350 350 PRO PRO A . n 
A 1 357 PRO 357 351 351 PRO PRO A . n 
A 1 358 PRO 358 352 352 PRO PRO A . n 
A 1 359 LEU 359 353 ?   ?   ?   A . n 
A 1 360 ASP 360 354 ?   ?   ?   A . n 
A 1 361 GLN 361 355 ?   ?   ?   A . n 
A 1 362 GLU 362 356 ?   ?   ?   A . n 
A 1 363 GLU 363 357 ?   ?   ?   A . n 
A 1 364 MET 364 358 ?   ?   ?   A . n 
A 1 365 GLU 365 359 ?   ?   ?   A . n 
A 1 366 SER 366 360 ?   ?   ?   A . n 
# 
loop_
_pdbx_nonpoly_scheme.asym_id 
_pdbx_nonpoly_scheme.entity_id 
_pdbx_nonpoly_scheme.mon_id 
_pdbx_nonpoly_scheme.ndb_seq_num 
_pdbx_nonpoly_scheme.pdb_seq_num 
_pdbx_nonpoly_scheme.auth_seq_num 
_pdbx_nonpoly_scheme.pdb_mon_id 
_pdbx_nonpoly_scheme.auth_mon_id 
_pdbx_nonpoly_scheme.pdb_strand_id 
_pdbx_nonpoly_scheme.pdb_ins_code 
B 2 D13 1 391 391 D13 D13 A . 
C 2 D13 1 392 392 D13 D13 A . 
D 2 D13 1 393 393 D13 D13 A . 
# 
loop_
_software.name 
_software.classification 
_software.version 
_software.citation_id 
_software.pdbx_ordinal 
MADSYS    phasing          .   ? 1 
X-PLOR    'model building' 3.1 ? 2 
X-PLOR    refinement       3.1 ? 3 
DENZO     'data reduction' .   ? 4 
SCALEPACK 'data scaling'   .   ? 5 
X-PLOR    phasing          3.1 ? 6 
# 
_cell.entry_id           1IAN 
_cell.length_a           65.100 
_cell.length_b           74.300 
_cell.length_c           77.900 
_cell.angle_alpha        90.00 
_cell.angle_beta         90.00 
_cell.angle_gamma        90.00 
_cell.Z_PDB              4 
_cell.pdbx_unique_axis   ? 
# 
_symmetry.entry_id                         1IAN 
_symmetry.space_group_name_H-M             'P 21 21 21' 
_symmetry.pdbx_full_space_group_name_H-M   ? 
_symmetry.cell_setting                     ? 
_symmetry.Int_Tables_number                19 
# 
_exptl.entry_id          1IAN 
_exptl.method            'X-RAY DIFFRACTION' 
_exptl.crystals_number   1 
# 
_exptl_crystal.id                    1 
_exptl_crystal.density_meas          ? 
_exptl_crystal.density_Matthews      2.4 
_exptl_crystal.density_percent_sol   45.00 
_exptl_crystal.description           ? 
# 
_exptl_crystal_grow.crystal_id      1 
_exptl_crystal_grow.method          ? 
_exptl_crystal_grow.temp            ? 
_exptl_crystal_grow.temp_details    ? 
_exptl_crystal_grow.pH              7.4 
_exptl_crystal_grow.pdbx_pH_range   ? 
_exptl_crystal_grow.pdbx_details    'pH 7.4' 
# 
_diffrn.id                     1 
_diffrn.ambient_temp           100 
_diffrn.ambient_temp_details   ? 
_diffrn.crystal_id             1 
# 
_diffrn_detector.diffrn_id              1 
_diffrn_detector.detector               'IMAGE PLATE' 
_diffrn_detector.type                   FUJI 
_diffrn_detector.pdbx_collection_date   1996-08-31 
_diffrn_detector.details                'BENT MIRROR' 
# 
_diffrn_radiation.diffrn_id                        1 
_diffrn_radiation.wavelength_id                    1 
_diffrn_radiation.pdbx_monochromatic_or_laue_m_l   M 
_diffrn_radiation.monochromator                    'SI(111)' 
_diffrn_radiation.pdbx_diffrn_protocol             ? 
_diffrn_radiation.pdbx_scattering_type             x-ray 
# 
_diffrn_radiation_wavelength.id           1 
_diffrn_radiation_wavelength.wavelength   0.9792 
_diffrn_radiation_wavelength.wt           1.0 
# 
_diffrn_source.diffrn_id                   1 
_diffrn_source.source                      SYNCHROTRON 
_diffrn_source.type                        'NSLS BEAMLINE X4A' 
_diffrn_source.pdbx_synchrotron_site       NSLS 
_diffrn_source.pdbx_synchrotron_beamline   X4A 
_diffrn_source.pdbx_wavelength             0.9792 
_diffrn_source.pdbx_wavelength_list        ? 
# 
_reflns.entry_id                     1IAN 
_reflns.observed_criterion_sigma_I   1. 
_reflns.observed_criterion_sigma_F   ? 
_reflns.d_resolution_low             30. 
_reflns.d_resolution_high            2.0 
_reflns.number_obs                   25453 
_reflns.number_all                   ? 
_reflns.percent_possible_obs         99. 
_reflns.pdbx_Rmerge_I_obs            0.0460000 
_reflns.pdbx_Rsym_value              0.0460000 
_reflns.pdbx_netI_over_sigmaI        23. 
_reflns.B_iso_Wilson_estimate        ? 
_reflns.pdbx_redundancy              7.0 
_reflns.pdbx_ordinal                 1 
_reflns.pdbx_diffrn_id               1 
# 
_reflns_shell.d_res_high             2.0 
_reflns_shell.d_res_low              2.1 
_reflns_shell.percent_possible_all   95. 
_reflns_shell.Rmerge_I_obs           0.1570000 
_reflns_shell.pdbx_Rsym_value        0.1570000 
_reflns_shell.meanI_over_sigI_obs    7. 
_reflns_shell.pdbx_redundancy        5. 
_reflns_shell.pdbx_ordinal           1 
_reflns_shell.pdbx_diffrn_id         1 
# 
_refine.entry_id                                 1IAN 
_refine.ls_number_reflns_obs                     24416 
_refine.ls_number_reflns_all                     ? 
_refine.pdbx_ls_sigma_I                          ? 
_refine.pdbx_ls_sigma_F                          2. 
_refine.pdbx_data_cutoff_high_absF               10000000.0 
_refine.pdbx_data_cutoff_low_absF                1.0 
_refine.pdbx_data_cutoff_high_rms_absF           ? 
_refine.ls_d_res_low                             6.0 
_refine.ls_d_res_high                            2.0 
_refine.ls_percent_reflns_obs                    99.0 
_refine.ls_R_factor_obs                          0.2340000 
_refine.ls_R_factor_all                          ? 
_refine.ls_R_factor_R_work                       0.2340000 
_refine.ls_R_factor_R_free                       0.3010000 
_refine.ls_R_factor_R_free_error                 ? 
_refine.ls_R_factor_R_free_error_details         ? 
_refine.ls_percent_reflns_R_free                 7.5 
_refine.ls_number_reflns_R_free                  1835 
_refine.ls_number_parameters                     ? 
_refine.ls_number_restraints                     ? 
_refine.occupancy_min                            ? 
_refine.occupancy_max                            ? 
_refine.B_iso_mean                               28.0 
_refine.aniso_B[1][1]                            0.18 
_refine.aniso_B[2][2]                            3.74 
_refine.aniso_B[3][3]                            -3.92 
_refine.aniso_B[1][2]                            0.0 
_refine.aniso_B[1][3]                            0.0 
_refine.aniso_B[2][3]                            0.0 
_refine.solvent_model_details                    ? 
_refine.solvent_model_param_ksol                 ? 
_refine.solvent_model_param_bsol                 ? 
_refine.pdbx_ls_cross_valid_method               THROUGHOUT 
_refine.details                                  ? 
_refine.pdbx_starting_model                      ERK2 
_refine.pdbx_method_to_determine_struct          'SE-MET MAD AND MR' 
_refine.pdbx_isotropic_thermal_model             RESTRAINED 
_refine.pdbx_stereochemistry_target_values       ? 
_refine.pdbx_stereochem_target_val_spec_case     ? 
_refine.pdbx_R_Free_selection_details            RANDOM 
_refine.pdbx_overall_ESU_R                       ? 
_refine.pdbx_overall_ESU_R_Free                  ? 
_refine.overall_SU_ML                            ? 
_refine.overall_SU_B                             ? 
_refine.pdbx_refine_id                           'X-RAY DIFFRACTION' 
_refine.pdbx_diffrn_id                           1 
_refine.pdbx_TLS_residual_ADP_flag               ? 
_refine.correlation_coeff_Fo_to_Fc               ? 
_refine.correlation_coeff_Fo_to_Fc_free          ? 
_refine.pdbx_solvent_vdw_probe_radii             ? 
_refine.pdbx_solvent_ion_probe_radii             ? 
_refine.pdbx_solvent_shrinkage_radii             ? 
_refine.pdbx_overall_phase_error                 ? 
_refine.overall_SU_R_Cruickshank_DPI             ? 
_refine.pdbx_overall_SU_R_free_Cruickshank_DPI   ? 
_refine.pdbx_overall_SU_R_Blow_DPI               ? 
_refine.pdbx_overall_SU_R_free_Blow_DPI          ? 
# 
_refine_hist.pdbx_refine_id                   'X-RAY DIFFRACTION' 
_refine_hist.cycle_id                         LAST 
_refine_hist.pdbx_number_atoms_protein        328 
_refine_hist.pdbx_number_atoms_nucleic_acid   0 
_refine_hist.pdbx_number_atoms_ligand         81 
_refine_hist.number_atoms_solvent             0 
_refine_hist.number_atoms_total               409 
_refine_hist.d_res_high                       2.0 
_refine_hist.d_res_low                        6.0 
# 
loop_
_refine_ls_restr.type 
_refine_ls_restr.dev_ideal 
_refine_ls_restr.dev_ideal_target 
_refine_ls_restr.weight 
_refine_ls_restr.number 
_refine_ls_restr.pdbx_refine_id 
_refine_ls_restr.pdbx_restraint_function 
x_bond_d                0.009 ? ? ? 'X-RAY DIFFRACTION' ? 
x_bond_d_na             ?     ? ? ? 'X-RAY DIFFRACTION' ? 
x_bond_d_prot           ?     ? ? ? 'X-RAY DIFFRACTION' ? 
x_angle_d               ?     ? ? ? 'X-RAY DIFFRACTION' ? 
x_angle_d_na            ?     ? ? ? 'X-RAY DIFFRACTION' ? 
x_angle_d_prot          ?     ? ? ? 'X-RAY DIFFRACTION' ? 
x_angle_deg             1.6   ? ? ? 'X-RAY DIFFRACTION' ? 
x_angle_deg_na          ?     ? ? ? 'X-RAY DIFFRACTION' ? 
x_angle_deg_prot        ?     ? ? ? 'X-RAY DIFFRACTION' ? 
x_dihedral_angle_d      24.1  ? ? ? 'X-RAY DIFFRACTION' ? 
x_dihedral_angle_d_na   ?     ? ? ? 'X-RAY DIFFRACTION' ? 
x_dihedral_angle_d_prot ?     ? ? ? 'X-RAY DIFFRACTION' ? 
x_improper_angle_d      1.37  ? ? ? 'X-RAY DIFFRACTION' ? 
x_improper_angle_d_na   ?     ? ? ? 'X-RAY DIFFRACTION' ? 
x_improper_angle_d_prot ?     ? ? ? 'X-RAY DIFFRACTION' ? 
x_mcbond_it             ?     ? ? ? 'X-RAY DIFFRACTION' ? 
x_mcangle_it            ?     ? ? ? 'X-RAY DIFFRACTION' ? 
x_scbond_it             ?     ? ? ? 'X-RAY DIFFRACTION' ? 
x_scangle_it            ?     ? ? ? 'X-RAY DIFFRACTION' ? 
# 
_struct.entry_id                  1IAN 
_struct.title                     'HUMAN P38 MAP KINASE INHIBITOR COMPLEX' 
_struct.pdbx_model_details        ? 
_struct.pdbx_CASP_flag            ? 
_struct.pdbx_model_type_details   ? 
# 
_struct_keywords.entry_id        1IAN 
_struct_keywords.pdbx_keywords   'SERINE/THREONINE-PROTEIN KINASE' 
_struct_keywords.text            'PROTEIN SER/THR-KINASE, SERINE/THREONINE-PROTEIN KINASE, SERINE-THREONINE-PROTEIN KINASE complex' 
# 
loop_
_struct_asym.id 
_struct_asym.pdbx_blank_PDB_chainid_flag 
_struct_asym.pdbx_modified 
_struct_asym.entity_id 
_struct_asym.details 
A N N 1 ? 
B N N 2 ? 
C N N 2 ? 
D N N 2 ? 
# 
_struct_ref.id                         1 
_struct_ref.db_name                    UNP 
_struct_ref.db_code                    MK14_HUMAN 
_struct_ref.entity_id                  1 
_struct_ref.pdbx_db_accession          Q16539 
_struct_ref.pdbx_align_begin           1 
_struct_ref.pdbx_seq_one_letter_code   
;MSQERPTFYRQELNKTIWEVPERYQNLSPVGSGAYGSVCAAFDTKTGLRVAVKKLSRPFQSIIHAKRTYRELRLLKHMKH
ENVIGLLDVFTPARSLEEFNDVYLVTHLMGADLNNIVKCQKLTDDHVQFLIYQILRGLKYIHSADIIHRDLKPSNLAVNE
DCELKILDFGLARHTDDEMTGYVATRWYRAPEIMLNWMHYNQTVDIWSVGCIMAELLTGRTLFPGTDHIDQLKLILRLVG
TPGAELLKKISSESARNYIQSLTQMPKMNFANVFIGANPLAVDLLEKMLVLDSDKRITAAQALAHAYFAQYHDPDDEPVA
DPYDQSFESRDLLIDEWKSLTYDEVISFVPPPLDQEEMES
;
_struct_ref.pdbx_db_isoform            ? 
# 
_struct_ref_seq.align_id                      1 
_struct_ref_seq.ref_id                        1 
_struct_ref_seq.pdbx_PDB_id_code              1IAN 
_struct_ref_seq.pdbx_strand_id                A 
_struct_ref_seq.seq_align_beg                 8 
_struct_ref_seq.pdbx_seq_align_beg_ins_code   ? 
_struct_ref_seq.seq_align_end                 366 
_struct_ref_seq.pdbx_seq_align_end_ins_code   ? 
_struct_ref_seq.pdbx_db_accession             Q16539 
_struct_ref_seq.db_align_beg                  2 
_struct_ref_seq.pdbx_db_align_beg_ins_code    ? 
_struct_ref_seq.db_align_end                  360 
_struct_ref_seq.pdbx_db_align_end_ins_code    ? 
_struct_ref_seq.pdbx_auth_seq_align_beg       2 
_struct_ref_seq.pdbx_auth_seq_align_end       360 
# 
_pdbx_struct_assembly.id                   1 
_pdbx_struct_assembly.details              author_defined_assembly 
_pdbx_struct_assembly.method_details       ? 
_pdbx_struct_assembly.oligomeric_details   monomeric 
_pdbx_struct_assembly.oligomeric_count     1 
# 
_pdbx_struct_assembly_gen.assembly_id       1 
_pdbx_struct_assembly_gen.oper_expression   1 
_pdbx_struct_assembly_gen.asym_id_list      A,B,C,D 
# 
_pdbx_struct_oper_list.id                   1 
_pdbx_struct_oper_list.type                 'identity operation' 
_pdbx_struct_oper_list.name                 1_555 
_pdbx_struct_oper_list.symmetry_operation   x,y,z 
_pdbx_struct_oper_list.matrix[1][1]         1.0000000000 
_pdbx_struct_oper_list.matrix[1][2]         0.0000000000 
_pdbx_struct_oper_list.matrix[1][3]         0.0000000000 
_pdbx_struct_oper_list.vector[1]            0.0000000000 
_pdbx_struct_oper_list.matrix[2][1]         0.0000000000 
_pdbx_struct_oper_list.matrix[2][2]         1.0000000000 
_pdbx_struct_oper_list.matrix[2][3]         0.0000000000 
_pdbx_struct_oper_list.vector[2]            0.0000000000 
_pdbx_struct_oper_list.matrix[3][1]         0.0000000000 
_pdbx_struct_oper_list.matrix[3][2]         0.0000000000 
_pdbx_struct_oper_list.matrix[3][3]         1.0000000000 
_pdbx_struct_oper_list.vector[3]            0.0000000000 
# 
_struct_biol.id   1 
# 
loop_
_struct_site.id 
_struct_site.pdbx_evidence_code 
_struct_site.pdbx_auth_asym_id 
_struct_site.pdbx_auth_comp_id 
_struct_site.pdbx_auth_seq_id 
_struct_site.pdbx_auth_ins_code 
_struct_site.pdbx_num_residues 
_struct_site.details 
AC1 Software A D13 391 ? 1 'BINDING SITE FOR RESIDUE D13 A 391' 
AC2 Software A D13 393 ? 1 'BINDING SITE FOR RESIDUE D13 A 393' 
# 
loop_
_struct_site_gen.id 
_struct_site_gen.site_id 
_struct_site_gen.pdbx_num_res 
_struct_site_gen.label_comp_id 
_struct_site_gen.label_asym_id 
_struct_site_gen.label_seq_id 
_struct_site_gen.pdbx_auth_ins_code 
_struct_site_gen.auth_comp_id 
_struct_site_gen.auth_asym_id 
_struct_site_gen.auth_seq_id 
_struct_site_gen.label_atom_id 
_struct_site_gen.label_alt_id 
_struct_site_gen.symmetry 
_struct_site_gen.details 
1 AC1 1 LEU A 114 ? LEU A 108 . ? 1_555 ? 
2 AC2 1 SER A 260 ? SER A 254 . ? 1_555 ? 
# 
loop_
_pdbx_unobs_or_zero_occ_residues.id 
_pdbx_unobs_or_zero_occ_residues.PDB_model_num 
_pdbx_unobs_or_zero_occ_residues.polymer_flag 
_pdbx_unobs_or_zero_occ_residues.occupancy_flag 
_pdbx_unobs_or_zero_occ_residues.auth_asym_id 
_pdbx_unobs_or_zero_occ_residues.auth_comp_id 
_pdbx_unobs_or_zero_occ_residues.auth_seq_id 
_pdbx_unobs_or_zero_occ_residues.PDB_ins_code 
_pdbx_unobs_or_zero_occ_residues.label_asym_id 
_pdbx_unobs_or_zero_occ_residues.label_comp_id 
_pdbx_unobs_or_zero_occ_residues.label_seq_id 
1  1 Y 1 A MET -5  ? A MET 1   
2  1 Y 1 A ALA -4  ? A ALA 2   
3  1 Y 1 A HIS -3  ? A HIS 3   
4  1 Y 1 A HIS -2  ? A HIS 4   
5  1 Y 1 A HIS -1  ? A HIS 5   
6  1 Y 1 A HIS 0   ? A HIS 6   
7  1 Y 1 A HIS 1   ? A HIS 7   
8  1 Y 1 A SER 2   ? A SER 8   
9  1 Y 1 A GLN 3   ? A GLN 9   
10 1 Y 1 A GLU 4   ? A GLU 10  
11 1 Y 1 A LYS 118 ? A LYS 124 
12 1 Y 1 A CYS 119 ? A CYS 125 
13 1 Y 1 A GLN 120 ? A GLN 126 
14 1 Y 1 A LYS 121 ? A LYS 127 
15 1 Y 1 A LEU 122 ? A LEU 128 
16 1 Y 1 A GLY 170 ? A GLY 176 
17 1 Y 1 A LEU 171 ? A LEU 177 
18 1 Y 1 A ALA 172 ? A ALA 178 
19 1 Y 1 A ARG 173 ? A ARG 179 
20 1 Y 1 A HIS 174 ? A HIS 180 
21 1 Y 1 A THR 175 ? A THR 181 
22 1 Y 1 A ASP 176 ? A ASP 182 
23 1 Y 1 A ASP 177 ? A ASP 183 
24 1 Y 1 A GLU 178 ? A GLU 184 
25 1 Y 1 A MET 179 ? A MET 185 
26 1 Y 1 A THR 180 ? A THR 186 
27 1 Y 1 A GLY 181 ? A GLY 187 
28 1 Y 1 A TYR 182 ? A TYR 188 
29 1 Y 1 A VAL 183 ? A VAL 189 
30 1 Y 1 A ALA 184 ? A ALA 190 
31 1 Y 1 A LEU 353 ? A LEU 359 
32 1 Y 1 A ASP 354 ? A ASP 360 
33 1 Y 1 A GLN 355 ? A GLN 361 
34 1 Y 1 A GLU 356 ? A GLU 362 
35 1 Y 1 A GLU 357 ? A GLU 363 
36 1 Y 1 A MET 358 ? A MET 364 
37 1 Y 1 A GLU 359 ? A GLU 365 
38 1 Y 1 A SER 360 ? A SER 366 
# 
loop_
_chem_comp_atom.comp_id 
_chem_comp_atom.atom_id 
_chem_comp_atom.type_symbol 
_chem_comp_atom.pdbx_aromatic_flag 
_chem_comp_atom.pdbx_stereo_config 
_chem_comp_atom.pdbx_ordinal 
ALA N    N N N 1   
ALA CA   C N S 2   
ALA C    C N N 3   
ALA O    O N N 4   
ALA CB   C N N 5   
ALA OXT  O N N 6   
ALA H    H N N 7   
ALA H2   H N N 8   
ALA HA   H N N 9   
ALA HB1  H N N 10  
ALA HB2  H N N 11  
ALA HB3  H N N 12  
ALA HXT  H N N 13  
ARG N    N N N 14  
ARG CA   C N S 15  
ARG C    C N N 16  
ARG O    O N N 17  
ARG CB   C N N 18  
ARG CG   C N N 19  
ARG CD   C N N 20  
ARG NE   N N N 21  
ARG CZ   C N N 22  
ARG NH1  N N N 23  
ARG NH2  N N N 24  
ARG OXT  O N N 25  
ARG H    H N N 26  
ARG H2   H N N 27  
ARG HA   H N N 28  
ARG HB2  H N N 29  
ARG HB3  H N N 30  
ARG HG2  H N N 31  
ARG HG3  H N N 32  
ARG HD2  H N N 33  
ARG HD3  H N N 34  
ARG HE   H N N 35  
ARG HH11 H N N 36  
ARG HH12 H N N 37  
ARG HH21 H N N 38  
ARG HH22 H N N 39  
ARG HXT  H N N 40  
ASN N    N N N 41  
ASN CA   C N S 42  
ASN C    C N N 43  
ASN O    O N N 44  
ASN CB   C N N 45  
ASN CG   C N N 46  
ASN OD1  O N N 47  
ASN ND2  N N N 48  
ASN OXT  O N N 49  
ASN H    H N N 50  
ASN H2   H N N 51  
ASN HA   H N N 52  
ASN HB2  H N N 53  
ASN HB3  H N N 54  
ASN HD21 H N N 55  
ASN HD22 H N N 56  
ASN HXT  H N N 57  
ASP N    N N N 58  
ASP CA   C N S 59  
ASP C    C N N 60  
ASP O    O N N 61  
ASP CB   C N N 62  
ASP CG   C N N 63  
ASP OD1  O N N 64  
ASP OD2  O N N 65  
ASP OXT  O N N 66  
ASP H    H N N 67  
ASP H2   H N N 68  
ASP HA   H N N 69  
ASP HB2  H N N 70  
ASP HB3  H N N 71  
ASP HD2  H N N 72  
ASP HXT  H N N 73  
CYS N    N N N 74  
CYS CA   C N R 75  
CYS C    C N N 76  
CYS O    O N N 77  
CYS CB   C N N 78  
CYS SG   S N N 79  
CYS OXT  O N N 80  
CYS H    H N N 81  
CYS H2   H N N 82  
CYS HA   H N N 83  
CYS HB2  H N N 84  
CYS HB3  H N N 85  
CYS HG   H N N 86  
CYS HXT  H N N 87  
D13 C1   C Y N 88  
D13 N2   N Y N 89  
D13 C3   C Y N 90  
D13 C4   C Y N 91  
D13 N5   N Y N 92  
D13 C6   C Y N 93  
D13 C7   C Y N 94  
D13 C8   C Y N 95  
D13 N9   N Y N 96  
D13 C10  C Y N 97  
D13 C11  C Y N 98  
D13 C12  C Y N 99  
D13 C13  C Y N 100 
D13 C14  C Y N 101 
D13 I14  I N N 102 
D13 C15  C Y N 103 
D13 C16  C Y N 104 
D13 C17  C Y N 105 
D13 C18  C Y N 106 
D13 C19  C Y N 107 
D13 C20  C Y N 108 
D13 C21  C Y N 109 
D13 C22  C Y N 110 
D13 C23  C Y N 111 
D13 S24  S N R 112 
D13 O24  O N N 113 
D13 C25  C N N 114 
D13 HN5  H N N 115 
D13 H7   H N N 116 
D13 H8   H N N 117 
D13 H10  H N N 118 
D13 H11  H N N 119 
D13 H13  H N N 120 
D13 H15  H N N 121 
D13 H16  H N N 122 
D13 H17  H N N 123 
D13 H19  H N N 124 
D13 H20  H N N 125 
D13 H22  H N N 126 
D13 H23  H N N 127 
D13 H251 H N N 128 
D13 H252 H N N 129 
D13 H253 H N N 130 
GLN N    N N N 131 
GLN CA   C N S 132 
GLN C    C N N 133 
GLN O    O N N 134 
GLN CB   C N N 135 
GLN CG   C N N 136 
GLN CD   C N N 137 
GLN OE1  O N N 138 
GLN NE2  N N N 139 
GLN OXT  O N N 140 
GLN H    H N N 141 
GLN H2   H N N 142 
GLN HA   H N N 143 
GLN HB2  H N N 144 
GLN HB3  H N N 145 
GLN HG2  H N N 146 
GLN HG3  H N N 147 
GLN HE21 H N N 148 
GLN HE22 H N N 149 
GLN HXT  H N N 150 
GLU N    N N N 151 
GLU CA   C N S 152 
GLU C    C N N 153 
GLU O    O N N 154 
GLU CB   C N N 155 
GLU CG   C N N 156 
GLU CD   C N N 157 
GLU OE1  O N N 158 
GLU OE2  O N N 159 
GLU OXT  O N N 160 
GLU H    H N N 161 
GLU H2   H N N 162 
GLU HA   H N N 163 
GLU HB2  H N N 164 
GLU HB3  H N N 165 
GLU HG2  H N N 166 
GLU HG3  H N N 167 
GLU HE2  H N N 168 
GLU HXT  H N N 169 
GLY N    N N N 170 
GLY CA   C N N 171 
GLY C    C N N 172 
GLY O    O N N 173 
GLY OXT  O N N 174 
GLY H    H N N 175 
GLY H2   H N N 176 
GLY HA2  H N N 177 
GLY HA3  H N N 178 
GLY HXT  H N N 179 
HIS N    N N N 180 
HIS CA   C N S 181 
HIS C    C N N 182 
HIS O    O N N 183 
HIS CB   C N N 184 
HIS CG   C Y N 185 
HIS ND1  N Y N 186 
HIS CD2  C Y N 187 
HIS CE1  C Y N 188 
HIS NE2  N Y N 189 
HIS OXT  O N N 190 
HIS H    H N N 191 
HIS H2   H N N 192 
HIS HA   H N N 193 
HIS HB2  H N N 194 
HIS HB3  H N N 195 
HIS HD1  H N N 196 
HIS HD2  H N N 197 
HIS HE1  H N N 198 
HIS HE2  H N N 199 
HIS HXT  H N N 200 
ILE N    N N N 201 
ILE CA   C N S 202 
ILE C    C N N 203 
ILE O    O N N 204 
ILE CB   C N S 205 
ILE CG1  C N N 206 
ILE CG2  C N N 207 
ILE CD1  C N N 208 
ILE OXT  O N N 209 
ILE H    H N N 210 
ILE H2   H N N 211 
ILE HA   H N N 212 
ILE HB   H N N 213 
ILE HG12 H N N 214 
ILE HG13 H N N 215 
ILE HG21 H N N 216 
ILE HG22 H N N 217 
ILE HG23 H N N 218 
ILE HD11 H N N 219 
ILE HD12 H N N 220 
ILE HD13 H N N 221 
ILE HXT  H N N 222 
LEU N    N N N 223 
LEU CA   C N S 224 
LEU C    C N N 225 
LEU O    O N N 226 
LEU CB   C N N 227 
LEU CG   C N N 228 
LEU CD1  C N N 229 
LEU CD2  C N N 230 
LEU OXT  O N N 231 
LEU H    H N N 232 
LEU H2   H N N 233 
LEU HA   H N N 234 
LEU HB2  H N N 235 
LEU HB3  H N N 236 
LEU HG   H N N 237 
LEU HD11 H N N 238 
LEU HD12 H N N 239 
LEU HD13 H N N 240 
LEU HD21 H N N 241 
LEU HD22 H N N 242 
LEU HD23 H N N 243 
LEU HXT  H N N 244 
LYS N    N N N 245 
LYS CA   C N S 246 
LYS C    C N N 247 
LYS O    O N N 248 
LYS CB   C N N 249 
LYS CG   C N N 250 
LYS CD   C N N 251 
LYS CE   C N N 252 
LYS NZ   N N N 253 
LYS OXT  O N N 254 
LYS H    H N N 255 
LYS H2   H N N 256 
LYS HA   H N N 257 
LYS HB2  H N N 258 
LYS HB3  H N N 259 
LYS HG2  H N N 260 
LYS HG3  H N N 261 
LYS HD2  H N N 262 
LYS HD3  H N N 263 
LYS HE2  H N N 264 
LYS HE3  H N N 265 
LYS HZ1  H N N 266 
LYS HZ2  H N N 267 
LYS HZ3  H N N 268 
LYS HXT  H N N 269 
MET N    N N N 270 
MET CA   C N S 271 
MET C    C N N 272 
MET O    O N N 273 
MET CB   C N N 274 
MET CG   C N N 275 
MET SD   S N N 276 
MET CE   C N N 277 
MET OXT  O N N 278 
MET H    H N N 279 
MET H2   H N N 280 
MET HA   H N N 281 
MET HB2  H N N 282 
MET HB3  H N N 283 
MET HG2  H N N 284 
MET HG3  H N N 285 
MET HE1  H N N 286 
MET HE2  H N N 287 
MET HE3  H N N 288 
MET HXT  H N N 289 
PHE N    N N N 290 
PHE CA   C N S 291 
PHE C    C N N 292 
PHE O    O N N 293 
PHE CB   C N N 294 
PHE CG   C Y N 295 
PHE CD1  C Y N 296 
PHE CD2  C Y N 297 
PHE CE1  C Y N 298 
PHE CE2  C Y N 299 
PHE CZ   C Y N 300 
PHE OXT  O N N 301 
PHE H    H N N 302 
PHE H2   H N N 303 
PHE HA   H N N 304 
PHE HB2  H N N 305 
PHE HB3  H N N 306 
PHE HD1  H N N 307 
PHE HD2  H N N 308 
PHE HE1  H N N 309 
PHE HE2  H N N 310 
PHE HZ   H N N 311 
PHE HXT  H N N 312 
PRO N    N N N 313 
PRO CA   C N S 314 
PRO C    C N N 315 
PRO O    O N N 316 
PRO CB   C N N 317 
PRO CG   C N N 318 
PRO CD   C N N 319 
PRO OXT  O N N 320 
PRO H    H N N 321 
PRO HA   H N N 322 
PRO HB2  H N N 323 
PRO HB3  H N N 324 
PRO HG2  H N N 325 
PRO HG3  H N N 326 
PRO HD2  H N N 327 
PRO HD3  H N N 328 
PRO HXT  H N N 329 
SER N    N N N 330 
SER CA   C N S 331 
SER C    C N N 332 
SER O    O N N 333 
SER CB   C N N 334 
SER OG   O N N 335 
SER OXT  O N N 336 
SER H    H N N 337 
SER H2   H N N 338 
SER HA   H N N 339 
SER HB2  H N N 340 
SER HB3  H N N 341 
SER HG   H N N 342 
SER HXT  H N N 343 
THR N    N N N 344 
THR CA   C N S 345 
THR C    C N N 346 
THR O    O N N 347 
THR CB   C N R 348 
THR OG1  O N N 349 
THR CG2  C N N 350 
THR OXT  O N N 351 
THR H    H N N 352 
THR H2   H N N 353 
THR HA   H N N 354 
THR HB   H N N 355 
THR HG1  H N N 356 
THR HG21 H N N 357 
THR HG22 H N N 358 
THR HG23 H N N 359 
THR HXT  H N N 360 
TRP N    N N N 361 
TRP CA   C N S 362 
TRP C    C N N 363 
TRP O    O N N 364 
TRP CB   C N N 365 
TRP CG   C Y N 366 
TRP CD1  C Y N 367 
TRP CD2  C Y N 368 
TRP NE1  N Y N 369 
TRP CE2  C Y N 370 
TRP CE3  C Y N 371 
TRP CZ2  C Y N 372 
TRP CZ3  C Y N 373 
TRP CH2  C Y N 374 
TRP OXT  O N N 375 
TRP H    H N N 376 
TRP H2   H N N 377 
TRP HA   H N N 378 
TRP HB2  H N N 379 
TRP HB3  H N N 380 
TRP HD1  H N N 381 
TRP HE1  H N N 382 
TRP HE3  H N N 383 
TRP HZ2  H N N 384 
TRP HZ3  H N N 385 
TRP HH2  H N N 386 
TRP HXT  H N N 387 
TYR N    N N N 388 
TYR CA   C N S 389 
TYR C    C N N 390 
TYR O    O N N 391 
TYR CB   C N N 392 
TYR CG   C Y N 393 
TYR CD1  C Y N 394 
TYR CD2  C Y N 395 
TYR CE1  C Y N 396 
TYR CE2  C Y N 397 
TYR CZ   C Y N 398 
TYR OH   O N N 399 
TYR OXT  O N N 400 
TYR H    H N N 401 
TYR H2   H N N 402 
TYR HA   H N N 403 
TYR HB2  H N N 404 
TYR HB3  H N N 405 
TYR HD1  H N N 406 
TYR HD2  H N N 407 
TYR HE1  H N N 408 
TYR HE2  H N N 409 
TYR HH   H N N 410 
TYR HXT  H N N 411 
VAL N    N N N 412 
VAL CA   C N S 413 
VAL C    C N N 414 
VAL O    O N N 415 
VAL CB   C N N 416 
VAL CG1  C N N 417 
VAL CG2  C N N 418 
VAL OXT  O N N 419 
VAL H    H N N 420 
VAL H2   H N N 421 
VAL HA   H N N 422 
VAL HB   H N N 423 
VAL HG11 H N N 424 
VAL HG12 H N N 425 
VAL HG13 H N N 426 
VAL HG21 H N N 427 
VAL HG22 H N N 428 
VAL HG23 H N N 429 
VAL HXT  H N N 430 
# 
loop_
_chem_comp_bond.comp_id 
_chem_comp_bond.atom_id_1 
_chem_comp_bond.atom_id_2 
_chem_comp_bond.value_order 
_chem_comp_bond.pdbx_aromatic_flag 
_chem_comp_bond.pdbx_stereo_config 
_chem_comp_bond.pdbx_ordinal 
ALA N   CA   sing N N 1   
ALA N   H    sing N N 2   
ALA N   H2   sing N N 3   
ALA CA  C    sing N N 4   
ALA CA  CB   sing N N 5   
ALA CA  HA   sing N N 6   
ALA C   O    doub N N 7   
ALA C   OXT  sing N N 8   
ALA CB  HB1  sing N N 9   
ALA CB  HB2  sing N N 10  
ALA CB  HB3  sing N N 11  
ALA OXT HXT  sing N N 12  
ARG N   CA   sing N N 13  
ARG N   H    sing N N 14  
ARG N   H2   sing N N 15  
ARG CA  C    sing N N 16  
ARG CA  CB   sing N N 17  
ARG CA  HA   sing N N 18  
ARG C   O    doub N N 19  
ARG C   OXT  sing N N 20  
ARG CB  CG   sing N N 21  
ARG CB  HB2  sing N N 22  
ARG CB  HB3  sing N N 23  
ARG CG  CD   sing N N 24  
ARG CG  HG2  sing N N 25  
ARG CG  HG3  sing N N 26  
ARG CD  NE   sing N N 27  
ARG CD  HD2  sing N N 28  
ARG CD  HD3  sing N N 29  
ARG NE  CZ   sing N N 30  
ARG NE  HE   sing N N 31  
ARG CZ  NH1  sing N N 32  
ARG CZ  NH2  doub N N 33  
ARG NH1 HH11 sing N N 34  
ARG NH1 HH12 sing N N 35  
ARG NH2 HH21 sing N N 36  
ARG NH2 HH22 sing N N 37  
ARG OXT HXT  sing N N 38  
ASN N   CA   sing N N 39  
ASN N   H    sing N N 40  
ASN N   H2   sing N N 41  
ASN CA  C    sing N N 42  
ASN CA  CB   sing N N 43  
ASN CA  HA   sing N N 44  
ASN C   O    doub N N 45  
ASN C   OXT  sing N N 46  
ASN CB  CG   sing N N 47  
ASN CB  HB2  sing N N 48  
ASN CB  HB3  sing N N 49  
ASN CG  OD1  doub N N 50  
ASN CG  ND2  sing N N 51  
ASN ND2 HD21 sing N N 52  
ASN ND2 HD22 sing N N 53  
ASN OXT HXT  sing N N 54  
ASP N   CA   sing N N 55  
ASP N   H    sing N N 56  
ASP N   H2   sing N N 57  
ASP CA  C    sing N N 58  
ASP CA  CB   sing N N 59  
ASP CA  HA   sing N N 60  
ASP C   O    doub N N 61  
ASP C   OXT  sing N N 62  
ASP CB  CG   sing N N 63  
ASP CB  HB2  sing N N 64  
ASP CB  HB3  sing N N 65  
ASP CG  OD1  doub N N 66  
ASP CG  OD2  sing N N 67  
ASP OD2 HD2  sing N N 68  
ASP OXT HXT  sing N N 69  
CYS N   CA   sing N N 70  
CYS N   H    sing N N 71  
CYS N   H2   sing N N 72  
CYS CA  C    sing N N 73  
CYS CA  CB   sing N N 74  
CYS CA  HA   sing N N 75  
CYS C   O    doub N N 76  
CYS C   OXT  sing N N 77  
CYS CB  SG   sing N N 78  
CYS CB  HB2  sing N N 79  
CYS CB  HB3  sing N N 80  
CYS SG  HG   sing N N 81  
CYS OXT HXT  sing N N 82  
D13 C1  N2   doub Y N 83  
D13 C1  N5   sing Y N 84  
D13 C1  C18  sing Y N 85  
D13 N2  C3   sing Y N 86  
D13 C3  C4   doub Y N 87  
D13 C3  C6   sing Y N 88  
D13 C4  N5   sing Y N 89  
D13 C4  C12  sing Y N 90  
D13 N5  HN5  sing N N 91  
D13 C6  C7   doub Y N 92  
D13 C6  C11  sing Y N 93  
D13 C7  C8   sing Y N 94  
D13 C7  H7   sing N N 95  
D13 C8  N9   doub Y N 96  
D13 C8  H8   sing N N 97  
D13 N9  C10  sing Y N 98  
D13 C10 C11  doub Y N 99  
D13 C10 H10  sing N N 100 
D13 C11 H11  sing N N 101 
D13 C12 C13  doub Y N 102 
D13 C12 C17  sing Y N 103 
D13 C13 C14  sing Y N 104 
D13 C13 H13  sing N N 105 
D13 C14 I14  sing N N 106 
D13 C14 C15  doub Y N 107 
D13 C15 C16  sing Y N 108 
D13 C15 H15  sing N N 109 
D13 C16 C17  doub Y N 110 
D13 C16 H16  sing N N 111 
D13 C17 H17  sing N N 112 
D13 C18 C19  doub Y N 113 
D13 C18 C23  sing Y N 114 
D13 C19 C20  sing Y N 115 
D13 C19 H19  sing N N 116 
D13 C20 C21  doub Y N 117 
D13 C20 H20  sing N N 118 
D13 C21 C22  sing Y N 119 
D13 C21 S24  sing N N 120 
D13 C22 C23  doub Y N 121 
D13 C22 H22  sing N N 122 
D13 C23 H23  sing N N 123 
D13 S24 O24  doub N N 124 
D13 S24 C25  sing N N 125 
D13 C25 H251 sing N N 126 
D13 C25 H252 sing N N 127 
D13 C25 H253 sing N N 128 
GLN N   CA   sing N N 129 
GLN N   H    sing N N 130 
GLN N   H2   sing N N 131 
GLN CA  C    sing N N 132 
GLN CA  CB   sing N N 133 
GLN CA  HA   sing N N 134 
GLN C   O    doub N N 135 
GLN C   OXT  sing N N 136 
GLN CB  CG   sing N N 137 
GLN CB  HB2  sing N N 138 
GLN CB  HB3  sing N N 139 
GLN CG  CD   sing N N 140 
GLN CG  HG2  sing N N 141 
GLN CG  HG3  sing N N 142 
GLN CD  OE1  doub N N 143 
GLN CD  NE2  sing N N 144 
GLN NE2 HE21 sing N N 145 
GLN NE2 HE22 sing N N 146 
GLN OXT HXT  sing N N 147 
GLU N   CA   sing N N 148 
GLU N   H    sing N N 149 
GLU N   H2   sing N N 150 
GLU CA  C    sing N N 151 
GLU CA  CB   sing N N 152 
GLU CA  HA   sing N N 153 
GLU C   O    doub N N 154 
GLU C   OXT  sing N N 155 
GLU CB  CG   sing N N 156 
GLU CB  HB2  sing N N 157 
GLU CB  HB3  sing N N 158 
GLU CG  CD   sing N N 159 
GLU CG  HG2  sing N N 160 
GLU CG  HG3  sing N N 161 
GLU CD  OE1  doub N N 162 
GLU CD  OE2  sing N N 163 
GLU OE2 HE2  sing N N 164 
GLU OXT HXT  sing N N 165 
GLY N   CA   sing N N 166 
GLY N   H    sing N N 167 
GLY N   H2   sing N N 168 
GLY CA  C    sing N N 169 
GLY CA  HA2  sing N N 170 
GLY CA  HA3  sing N N 171 
GLY C   O    doub N N 172 
GLY C   OXT  sing N N 173 
GLY OXT HXT  sing N N 174 
HIS N   CA   sing N N 175 
HIS N   H    sing N N 176 
HIS N   H2   sing N N 177 
HIS CA  C    sing N N 178 
HIS CA  CB   sing N N 179 
HIS CA  HA   sing N N 180 
HIS C   O    doub N N 181 
HIS C   OXT  sing N N 182 
HIS CB  CG   sing N N 183 
HIS CB  HB2  sing N N 184 
HIS CB  HB3  sing N N 185 
HIS CG  ND1  sing Y N 186 
HIS CG  CD2  doub Y N 187 
HIS ND1 CE1  doub Y N 188 
HIS ND1 HD1  sing N N 189 
HIS CD2 NE2  sing Y N 190 
HIS CD2 HD2  sing N N 191 
HIS CE1 NE2  sing Y N 192 
HIS CE1 HE1  sing N N 193 
HIS NE2 HE2  sing N N 194 
HIS OXT HXT  sing N N 195 
ILE N   CA   sing N N 196 
ILE N   H    sing N N 197 
ILE N   H2   sing N N 198 
ILE CA  C    sing N N 199 
ILE CA  CB   sing N N 200 
ILE CA  HA   sing N N 201 
ILE C   O    doub N N 202 
ILE C   OXT  sing N N 203 
ILE CB  CG1  sing N N 204 
ILE CB  CG2  sing N N 205 
ILE CB  HB   sing N N 206 
ILE CG1 CD1  sing N N 207 
ILE CG1 HG12 sing N N 208 
ILE CG1 HG13 sing N N 209 
ILE CG2 HG21 sing N N 210 
ILE CG2 HG22 sing N N 211 
ILE CG2 HG23 sing N N 212 
ILE CD1 HD11 sing N N 213 
ILE CD1 HD12 sing N N 214 
ILE CD1 HD13 sing N N 215 
ILE OXT HXT  sing N N 216 
LEU N   CA   sing N N 217 
LEU N   H    sing N N 218 
LEU N   H2   sing N N 219 
LEU CA  C    sing N N 220 
LEU CA  CB   sing N N 221 
LEU CA  HA   sing N N 222 
LEU C   O    doub N N 223 
LEU C   OXT  sing N N 224 
LEU CB  CG   sing N N 225 
LEU CB  HB2  sing N N 226 
LEU CB  HB3  sing N N 227 
LEU CG  CD1  sing N N 228 
LEU CG  CD2  sing N N 229 
LEU CG  HG   sing N N 230 
LEU CD1 HD11 sing N N 231 
LEU CD1 HD12 sing N N 232 
LEU CD1 HD13 sing N N 233 
LEU CD2 HD21 sing N N 234 
LEU CD2 HD22 sing N N 235 
LEU CD2 HD23 sing N N 236 
LEU OXT HXT  sing N N 237 
LYS N   CA   sing N N 238 
LYS N   H    sing N N 239 
LYS N   H2   sing N N 240 
LYS CA  C    sing N N 241 
LYS CA  CB   sing N N 242 
LYS CA  HA   sing N N 243 
LYS C   O    doub N N 244 
LYS C   OXT  sing N N 245 
LYS CB  CG   sing N N 246 
LYS CB  HB2  sing N N 247 
LYS CB  HB3  sing N N 248 
LYS CG  CD   sing N N 249 
LYS CG  HG2  sing N N 250 
LYS CG  HG3  sing N N 251 
LYS CD  CE   sing N N 252 
LYS CD  HD2  sing N N 253 
LYS CD  HD3  sing N N 254 
LYS CE  NZ   sing N N 255 
LYS CE  HE2  sing N N 256 
LYS CE  HE3  sing N N 257 
LYS NZ  HZ1  sing N N 258 
LYS NZ  HZ2  sing N N 259 
LYS NZ  HZ3  sing N N 260 
LYS OXT HXT  sing N N 261 
MET N   CA   sing N N 262 
MET N   H    sing N N 263 
MET N   H2   sing N N 264 
MET CA  C    sing N N 265 
MET CA  CB   sing N N 266 
MET CA  HA   sing N N 267 
MET C   O    doub N N 268 
MET C   OXT  sing N N 269 
MET CB  CG   sing N N 270 
MET CB  HB2  sing N N 271 
MET CB  HB3  sing N N 272 
MET CG  SD   sing N N 273 
MET CG  HG2  sing N N 274 
MET CG  HG3  sing N N 275 
MET SD  CE   sing N N 276 
MET CE  HE1  sing N N 277 
MET CE  HE2  sing N N 278 
MET CE  HE3  sing N N 279 
MET OXT HXT  sing N N 280 
PHE N   CA   sing N N 281 
PHE N   H    sing N N 282 
PHE N   H2   sing N N 283 
PHE CA  C    sing N N 284 
PHE CA  CB   sing N N 285 
PHE CA  HA   sing N N 286 
PHE C   O    doub N N 287 
PHE C   OXT  sing N N 288 
PHE CB  CG   sing N N 289 
PHE CB  HB2  sing N N 290 
PHE CB  HB3  sing N N 291 
PHE CG  CD1  doub Y N 292 
PHE CG  CD2  sing Y N 293 
PHE CD1 CE1  sing Y N 294 
PHE CD1 HD1  sing N N 295 
PHE CD2 CE2  doub Y N 296 
PHE CD2 HD2  sing N N 297 
PHE CE1 CZ   doub Y N 298 
PHE CE1 HE1  sing N N 299 
PHE CE2 CZ   sing Y N 300 
PHE CE2 HE2  sing N N 301 
PHE CZ  HZ   sing N N 302 
PHE OXT HXT  sing N N 303 
PRO N   CA   sing N N 304 
PRO N   CD   sing N N 305 
PRO N   H    sing N N 306 
PRO CA  C    sing N N 307 
PRO CA  CB   sing N N 308 
PRO CA  HA   sing N N 309 
PRO C   O    doub N N 310 
PRO C   OXT  sing N N 311 
PRO CB  CG   sing N N 312 
PRO CB  HB2  sing N N 313 
PRO CB  HB3  sing N N 314 
PRO CG  CD   sing N N 315 
PRO CG  HG2  sing N N 316 
PRO CG  HG3  sing N N 317 
PRO CD  HD2  sing N N 318 
PRO CD  HD3  sing N N 319 
PRO OXT HXT  sing N N 320 
SER N   CA   sing N N 321 
SER N   H    sing N N 322 
SER N   H2   sing N N 323 
SER CA  C    sing N N 324 
SER CA  CB   sing N N 325 
SER CA  HA   sing N N 326 
SER C   O    doub N N 327 
SER C   OXT  sing N N 328 
SER CB  OG   sing N N 329 
SER CB  HB2  sing N N 330 
SER CB  HB3  sing N N 331 
SER OG  HG   sing N N 332 
SER OXT HXT  sing N N 333 
THR N   CA   sing N N 334 
THR N   H    sing N N 335 
THR N   H2   sing N N 336 
THR CA  C    sing N N 337 
THR CA  CB   sing N N 338 
THR CA  HA   sing N N 339 
THR C   O    doub N N 340 
THR C   OXT  sing N N 341 
THR CB  OG1  sing N N 342 
THR CB  CG2  sing N N 343 
THR CB  HB   sing N N 344 
THR OG1 HG1  sing N N 345 
THR CG2 HG21 sing N N 346 
THR CG2 HG22 sing N N 347 
THR CG2 HG23 sing N N 348 
THR OXT HXT  sing N N 349 
TRP N   CA   sing N N 350 
TRP N   H    sing N N 351 
TRP N   H2   sing N N 352 
TRP CA  C    sing N N 353 
TRP CA  CB   sing N N 354 
TRP CA  HA   sing N N 355 
TRP C   O    doub N N 356 
TRP C   OXT  sing N N 357 
TRP CB  CG   sing N N 358 
TRP CB  HB2  sing N N 359 
TRP CB  HB3  sing N N 360 
TRP CG  CD1  doub Y N 361 
TRP CG  CD2  sing Y N 362 
TRP CD1 NE1  sing Y N 363 
TRP CD1 HD1  sing N N 364 
TRP CD2 CE2  doub Y N 365 
TRP CD2 CE3  sing Y N 366 
TRP NE1 CE2  sing Y N 367 
TRP NE1 HE1  sing N N 368 
TRP CE2 CZ2  sing Y N 369 
TRP CE3 CZ3  doub Y N 370 
TRP CE3 HE3  sing N N 371 
TRP CZ2 CH2  doub Y N 372 
TRP CZ2 HZ2  sing N N 373 
TRP CZ3 CH2  sing Y N 374 
TRP CZ3 HZ3  sing N N 375 
TRP CH2 HH2  sing N N 376 
TRP OXT HXT  sing N N 377 
TYR N   CA   sing N N 378 
TYR N   H    sing N N 379 
TYR N   H2   sing N N 380 
TYR CA  C    sing N N 381 
TYR CA  CB   sing N N 382 
TYR CA  HA   sing N N 383 
TYR C   O    doub N N 384 
TYR C   OXT  sing N N 385 
TYR CB  CG   sing N N 386 
TYR CB  HB2  sing N N 387 
TYR CB  HB3  sing N N 388 
TYR CG  CD1  doub Y N 389 
TYR CG  CD2  sing Y N 390 
TYR CD1 CE1  sing Y N 391 
TYR CD1 HD1  sing N N 392 
TYR CD2 CE2  doub Y N 393 
TYR CD2 HD2  sing N N 394 
TYR CE1 CZ   doub Y N 395 
TYR CE1 HE1  sing N N 396 
TYR CE2 CZ   sing Y N 397 
TYR CE2 HE2  sing N N 398 
TYR CZ  OH   sing N N 399 
TYR OH  HH   sing N N 400 
TYR OXT HXT  sing N N 401 
VAL N   CA   sing N N 402 
VAL N   H    sing N N 403 
VAL N   H2   sing N N 404 
VAL CA  C    sing N N 405 
VAL CA  CB   sing N N 406 
VAL CA  HA   sing N N 407 
VAL C   O    doub N N 408 
VAL C   OXT  sing N N 409 
VAL CB  CG1  sing N N 410 
VAL CB  CG2  sing N N 411 
VAL CB  HB   sing N N 412 
VAL CG1 HG11 sing N N 413 
VAL CG1 HG12 sing N N 414 
VAL CG1 HG13 sing N N 415 
VAL CG2 HG21 sing N N 416 
VAL CG2 HG22 sing N N 417 
VAL CG2 HG23 sing N N 418 
VAL OXT HXT  sing N N 419 
# 
_pdbx_coordinate_model.asym_id   A 
_pdbx_coordinate_model.type      'CA ATOMS ONLY' 
# 
_pdbx_initial_refinement_model.accession_code   ? 
_pdbx_initial_refinement_model.id               1 
_pdbx_initial_refinement_model.entity_id_list   ? 
_pdbx_initial_refinement_model.type             'experimental model' 
_pdbx_initial_refinement_model.source_name      Other 
_pdbx_initial_refinement_model.details          ERK2 
# 
_atom_sites.entry_id                    1IAN 
_atom_sites.fract_transf_matrix[1][1]   0.00243285 
_atom_sites.fract_transf_matrix[1][2]   -0.01084508 
_atom_sites.fract_transf_matrix[1][3]   -0.01060310 
_atom_sites.fract_transf_matrix[2][1]   0.01144810 
_atom_sites.fract_transf_matrix[2][2]   0.00609109 
_atom_sites.fract_transf_matrix[2][3]   -0.00360337 
_atom_sites.fract_transf_matrix[3][1]   0.00643659 
_atom_sites.fract_transf_matrix[3][2]   -0.00699267 
_atom_sites.fract_transf_matrix[3][3]   0.00862910 
_atom_sites.fract_transf_vector[1]      0.391310 
_atom_sites.fract_transf_vector[2]      0.453997 
_atom_sites.fract_transf_vector[3]      0.203190 
# 
loop_
_atom_type.symbol 
C 
I 
N 
O 
S 
# 
loop_
_atom_site.group_PDB 
_atom_site.id 
_atom_site.type_symbol 
_atom_site.label_atom_id 
_atom_site.label_alt_id 
_atom_site.label_comp_id 
_atom_site.label_asym_id 
_atom_site.label_entity_id 
_atom_site.label_seq_id 
_atom_site.pdbx_PDB_ins_code 
_atom_site.Cartn_x 
_atom_site.Cartn_y 
_atom_site.Cartn_z 
_atom_site.occupancy 
_atom_site.B_iso_or_equiv 
_atom_site.pdbx_formal_charge 
_atom_site.auth_seq_id 
_atom_site.auth_comp_id 
_atom_site.auth_asym_id 
_atom_site.auth_atom_id 
_atom_site.pdbx_PDB_model_num 
ATOM   1   C CA  . ARG A 1 11  ? 5.906   -15.466 -28.171 1.00 39.61 ? 5   ARG A CA  1 
ATOM   2   C CA  . PRO A 1 12  ? 8.883   -16.416 -25.941 1.00 37.39 ? 6   PRO A CA  1 
ATOM   3   C CA  . THR A 1 13  ? 9.651   -20.065 -25.292 1.00 35.00 ? 7   THR A CA  1 
ATOM   4   C CA  . PHE A 1 14  ? 8.523   -21.091 -21.825 1.00 32.24 ? 8   PHE A CA  1 
ATOM   5   C CA  . TYR A 1 15  ? 9.910   -23.687 -19.428 1.00 32.33 ? 9   TYR A CA  1 
ATOM   6   C CA  . ARG A 1 16  ? 8.128   -25.358 -16.516 1.00 35.39 ? 10  ARG A CA  1 
ATOM   7   C CA  . GLN A 1 17  ? 9.162   -26.126 -12.953 1.00 39.56 ? 11  GLN A CA  1 
ATOM   8   C CA  . GLU A 1 18  ? 7.621   -26.798 -9.551  1.00 44.60 ? 12  GLU A CA  1 
ATOM   9   C CA  . LEU A 1 19  ? 8.691   -24.709 -6.530  1.00 41.25 ? 13  LEU A CA  1 
ATOM   10  C CA  . ASN A 1 20  ? 7.061   -25.208 -3.087  1.00 44.31 ? 14  ASN A CA  1 
ATOM   11  C CA  . LYS A 1 21  ? 3.973   -26.943 -4.529  1.00 46.22 ? 15  LYS A CA  1 
ATOM   12  C CA  . THR A 1 22  ? 3.206   -24.766 -7.532  1.00 42.51 ? 16  THR A CA  1 
ATOM   13  C CA  . ILE A 1 23  ? 4.317   -24.800 -11.150 1.00 41.93 ? 17  ILE A CA  1 
ATOM   14  C CA  . TRP A 1 24  ? 5.814   -21.757 -12.827 1.00 33.49 ? 18  TRP A CA  1 
ATOM   15  C CA  . GLU A 1 25  ? 5.547   -21.398 -16.596 1.00 33.65 ? 19  GLU A CA  1 
ATOM   16  C CA  . VAL A 1 26  ? 7.938   -18.524 -17.326 1.00 25.63 ? 20  VAL A CA  1 
ATOM   17  C CA  . PRO A 1 27  ? 9.759   -17.344 -20.497 1.00 24.80 ? 21  PRO A CA  1 
ATOM   18  C CA  . GLU A 1 28  ? 13.359  -18.578 -20.958 1.00 27.71 ? 22  GLU A CA  1 
ATOM   19  C CA  . ARG A 1 29  ? 14.276  -14.945 -20.206 1.00 27.35 ? 23  ARG A CA  1 
ATOM   20  C CA  . TYR A 1 30  ? 13.815  -15.353 -16.447 1.00 25.03 ? 24  TYR A CA  1 
ATOM   21  C CA  . GLN A 1 31  ? 16.308  -17.751 -14.897 1.00 27.32 ? 25  GLN A CA  1 
ATOM   22  C CA  . ASN A 1 32  ? 17.155  -19.209 -11.506 1.00 34.74 ? 26  ASN A CA  1 
ATOM   23  C CA  . LEU A 1 33  ? 13.736  -18.979 -9.843  1.00 33.54 ? 27  LEU A CA  1 
ATOM   24  C CA  . SER A 1 34  ? 13.776  -19.129 -6.045  1.00 36.88 ? 28  SER A CA  1 
ATOM   25  C CA  . PRO A 1 35  ? 10.724  -18.921 -3.718  1.00 37.69 ? 29  PRO A CA  1 
ATOM   26  C CA  . VAL A 1 36  ? 10.400  -15.662 -1.755  1.00 41.19 ? 30  VAL A CA  1 
ATOM   27  C CA  . GLY A 1 37  ? 7.065   -16.283 -0.097  1.00 50.02 ? 31  GLY A CA  1 
ATOM   28  C CA  . SER A 1 38  ? 3.490   -17.452 -0.434  1.00 58.47 ? 32  SER A CA  1 
ATOM   29  C CA  . GLY A 1 39  ? 0.122   -16.083 0.553   1.00 55.82 ? 33  GLY A CA  1 
ATOM   30  C CA  . ALA A 1 40  ? -3.546  -15.680 -0.311  1.00 54.54 ? 34  ALA A CA  1 
ATOM   31  C CA  . TYR A 1 41  ? -2.647  -13.093 -2.930  1.00 52.18 ? 35  TYR A CA  1 
ATOM   32  C CA  . GLY A 1 42  ? -0.445  -15.522 -4.877  1.00 47.98 ? 36  GLY A CA  1 
ATOM   33  C CA  . SER A 1 43  ? 3.141   -16.702 -4.961  1.00 38.78 ? 37  SER A CA  1 
ATOM   34  C CA  . VAL A 1 44  ? 6.387   -14.768 -5.404  1.00 29.11 ? 38  VAL A CA  1 
ATOM   35  C CA  . CYS A 1 45  ? 9.738   -15.976 -6.807  1.00 28.51 ? 39  CYS A CA  1 
ATOM   36  C CA  . ALA A 1 46  ? 13.073  -14.149 -7.006  1.00 28.04 ? 40  ALA A CA  1 
ATOM   37  C CA  . ALA A 1 47  ? 14.719  -14.531 -10.418 1.00 25.99 ? 41  ALA A CA  1 
ATOM   38  C CA  . PHE A 1 48  ? 17.384  -13.255 -12.820 1.00 24.93 ? 42  PHE A CA  1 
ATOM   39  C CA  . ASP A 1 49  ? 16.251  -11.439 -15.937 1.00 23.48 ? 43  ASP A CA  1 
ATOM   40  C CA  . THR A 1 50  ? 19.071  -12.317 -18.312 1.00 28.68 ? 44  THR A CA  1 
ATOM   41  C CA  . LYS A 1 51  ? 17.718  -9.785  -20.826 1.00 27.44 ? 45  LYS A CA  1 
ATOM   42  C CA  . THR A 1 52  ? 18.029  -6.697  -18.638 1.00 27.02 ? 46  THR A CA  1 
ATOM   43  C CA  . GLY A 1 53  ? 20.625  -8.140  -16.272 1.00 24.58 ? 47  GLY A CA  1 
ATOM   44  C CA  . LEU A 1 54  ? 18.302  -7.349  -13.377 1.00 25.16 ? 48  LEU A CA  1 
ATOM   45  C CA  . ARG A 1 55  ? 17.383  -9.367  -10.315 1.00 27.08 ? 49  ARG A CA  1 
ATOM   46  C CA  . VAL A 1 56  ? 13.552  -9.570  -10.414 1.00 21.15 ? 50  VAL A CA  1 
ATOM   47  C CA  . ALA A 1 57  ? 10.529  -10.796 -8.435  1.00 21.19 ? 51  ALA A CA  1 
ATOM   48  C CA  . VAL A 1 58  ? 7.822   -12.719 -10.286 1.00 21.50 ? 52  VAL A CA  1 
ATOM   49  C CA  . LYS A 1 59  ? 4.327   -13.079 -8.851  1.00 25.89 ? 53  LYS A CA  1 
ATOM   50  C CA  . LYS A 1 60  ? 1.866   -15.753 -10.033 1.00 27.45 ? 54  LYS A CA  1 
ATOM   51  C CA  . LEU A 1 61  ? -1.718  -14.791 -9.172  1.00 29.30 ? 55  LEU A CA  1 
ATOM   52  C CA  . SER A 1 62  ? -3.445  -17.648 -7.325  1.00 39.82 ? 56  SER A CA  1 
ATOM   53  C CA  . ARG A 1 63  ? -6.728  -18.228 -9.191  1.00 35.55 ? 57  ARG A CA  1 
ATOM   54  C CA  . PRO A 1 64  ? -7.161  -15.086 -11.334 1.00 32.23 ? 58  PRO A CA  1 
ATOM   55  C CA  . PHE A 1 65  ? -10.578 -16.030 -12.648 1.00 31.90 ? 59  PHE A CA  1 
ATOM   56  C CA  . GLN A 1 66  ? -11.979 -18.239 -9.900  1.00 38.03 ? 60  GLN A CA  1 
ATOM   57  C CA  . SER A 1 67  ? -14.924 -15.922 -9.152  1.00 36.24 ? 61  SER A CA  1 
ATOM   58  C CA  . ILE A 1 68  ? -16.279 -12.605 -10.482 1.00 35.99 ? 62  ILE A CA  1 
ATOM   59  C CA  . ILE A 1 69  ? -14.558 -11.013 -7.495  1.00 36.26 ? 63  ILE A CA  1 
ATOM   60  C CA  . HIS A 1 70  ? -11.239 -12.715 -8.339  1.00 32.85 ? 64  HIS A CA  1 
ATOM   61  C CA  . ALA A 1 71  ? -11.597 -11.804 -12.007 1.00 25.20 ? 65  ALA A CA  1 
ATOM   62  C CA  . LYS A 1 72  ? -12.362 -8.151  -11.199 1.00 23.33 ? 66  LYS A CA  1 
ATOM   63  C CA  . ARG A 1 73  ? -9.564  -8.049  -8.616  1.00 24.76 ? 67  ARG A CA  1 
ATOM   64  C CA  . THR A 1 74  ? -7.121  -9.456  -11.208 1.00 18.38 ? 68  THR A CA  1 
ATOM   65  C CA  . TYR A 1 75  ? -8.199  -6.753  -13.627 1.00 16.12 ? 69  TYR A CA  1 
ATOM   66  C CA  . ARG A 1 76  ? -8.020  -4.127  -10.889 1.00 18.66 ? 70  ARG A CA  1 
ATOM   67  C CA  . GLU A 1 77  ? -4.439  -5.086  -10.058 1.00 19.09 ? 71  GLU A CA  1 
ATOM   68  C CA  . LEU A 1 78  ? -3.196  -5.191  -13.637 1.00 16.90 ? 72  LEU A CA  1 
ATOM   69  C CA  . ARG A 1 79  ? -4.739  -1.807  -14.444 1.00 18.06 ? 73  ARG A CA  1 
ATOM   70  C CA  . LEU A 1 80  ? -3.156  -0.402  -11.287 1.00 23.25 ? 74  LEU A CA  1 
ATOM   71  C CA  . LEU A 1 81  ? 0.373   -1.684  -11.971 1.00 23.04 ? 75  LEU A CA  1 
ATOM   72  C CA  . LYS A 1 82  ? 0.341   -0.644  -15.653 1.00 24.17 ? 76  LYS A CA  1 
ATOM   73  C CA  . HIS A 1 83  ? -0.388  2.887   -14.472 1.00 22.48 ? 77  HIS A CA  1 
ATOM   74  C CA  . MET A 1 84  ? 1.955   3.159   -11.486 1.00 21.75 ? 78  MET A CA  1 
ATOM   75  C CA  . LYS A 1 85  ? 5.167   4.709   -12.773 1.00 22.14 ? 79  LYS A CA  1 
ATOM   76  C CA  . HIS A 1 86  ? 7.046   6.289   -9.868  1.00 18.09 ? 80  HIS A CA  1 
ATOM   77  C CA  . GLU A 1 87  ? 10.221  5.514   -7.927  1.00 22.38 ? 81  GLU A CA  1 
ATOM   78  C CA  . ASN A 1 88  ? 8.486   4.923   -4.584  1.00 18.66 ? 82  ASN A CA  1 
ATOM   79  C CA  . VAL A 1 89  ? 5.677   2.787   -5.999  1.00 18.00 ? 83  VAL A CA  1 
ATOM   80  C CA  . ILE A 1 90  ? 5.842   -0.763  -7.324  1.00 26.48 ? 84  ILE A CA  1 
ATOM   81  C CA  . GLY A 1 91  ? 5.726   -0.913  -11.102 1.00 22.17 ? 85  GLY A CA  1 
ATOM   82  C CA  . LEU A 1 92  ? 5.547   -3.497  -13.851 1.00 21.15 ? 86  LEU A CA  1 
ATOM   83  C CA  . LEU A 1 93  ? 8.695   -4.635  -15.601 1.00 22.46 ? 87  LEU A CA  1 
ATOM   84  C CA  . ASP A 1 94  ? 6.670   -7.244  -17.433 1.00 21.80 ? 88  ASP A CA  1 
ATOM   85  C CA  . VAL A 1 95  ? 3.397   -9.180  -17.358 1.00 22.05 ? 89  VAL A CA  1 
ATOM   86  C CA  . PHE A 1 96  ? 2.980   -12.489 -19.170 1.00 22.93 ? 90  PHE A CA  1 
ATOM   87  C CA  . THR A 1 97  ? 0.823   -15.556 -19.647 1.00 26.57 ? 91  THR A CA  1 
ATOM   88  C CA  . PRO A 1 98  ? 1.957   -19.027 -20.910 1.00 31.32 ? 92  PRO A CA  1 
ATOM   89  C CA  . ALA A 1 99  ? -0.238  -19.162 -24.035 1.00 45.50 ? 93  ALA A CA  1 
ATOM   90  C CA  . ARG A 1 100 ? -2.186  -17.675 -26.963 1.00 53.76 ? 94  ARG A CA  1 
ATOM   91  C CA  . SER A 1 101 ? -5.863  -16.623 -27.015 1.00 52.96 ? 95  SER A CA  1 
ATOM   92  C CA  . LEU A 1 102 ? -8.521  -16.098 -24.344 1.00 46.22 ? 96  LEU A CA  1 
ATOM   93  C CA  . GLU A 1 103 ? -9.505  -19.766 -24.482 1.00 48.09 ? 97  GLU A CA  1 
ATOM   94  C CA  . GLU A 1 104 ? -6.301  -20.715 -22.656 1.00 46.13 ? 98  GLU A CA  1 
ATOM   95  C CA  . PHE A 1 105 ? -5.911  -17.582 -20.544 1.00 39.01 ? 99  PHE A CA  1 
ATOM   96  C CA  . ASN A 1 106 ? -5.946  -18.800 -16.949 1.00 38.82 ? 100 ASN A CA  1 
ATOM   97  C CA  . ASP A 1 107 ? -2.562  -17.803 -15.495 1.00 33.49 ? 101 ASP A CA  1 
ATOM   98  C CA  . VAL A 1 108 ? -1.099  -14.326 -15.069 1.00 26.14 ? 102 VAL A CA  1 
ATOM   99  C CA  . TYR A 1 109 ? 2.461   -13.552 -14.005 1.00 20.12 ? 103 TYR A CA  1 
ATOM   100 C CA  . LEU A 1 110 ? 3.640   -10.105 -12.917 1.00 19.42 ? 104 LEU A CA  1 
ATOM   101 C CA  . VAL A 1 111 ? 7.315   -9.014  -12.805 1.00 17.00 ? 105 VAL A CA  1 
ATOM   102 C CA  . THR A 1 112 ? 9.013   -6.176  -10.887 1.00 17.24 ? 106 THR A CA  1 
ATOM   103 C CA  . HIS A 1 113 ? 12.438  -5.163  -9.474  1.00 19.39 ? 107 HIS A CA  1 
ATOM   104 C CA  . LEU A 1 114 ? 13.577  -7.477  -6.660  1.00 22.14 ? 108 LEU A CA  1 
ATOM   105 C CA  . MET A 1 115 ? 13.528  -5.719  -3.269  1.00 28.14 ? 109 MET A CA  1 
ATOM   106 C CA  . GLY A 1 116 ? 15.452  -7.220  -0.377  1.00 30.36 ? 110 GLY A CA  1 
ATOM   107 C CA  . ALA A 1 117 ? 13.079  -6.754  2.571   1.00 26.72 ? 111 ALA A CA  1 
ATOM   108 C CA  . ASP A 1 118 ? 10.209  -4.676  4.001   1.00 30.00 ? 112 ASP A CA  1 
ATOM   109 C CA  . LEU A 1 119 ? 9.741   -2.271  6.917   1.00 34.55 ? 113 LEU A CA  1 
ATOM   110 C CA  . ASN A 1 120 ? 8.960   -4.978  9.484   1.00 42.91 ? 114 ASN A CA  1 
ATOM   111 C CA  . ASN A 1 121 ? 12.388  -6.363  8.557   1.00 48.30 ? 115 ASN A CA  1 
ATOM   112 C CA  . ILE A 1 122 ? 14.085  -3.110  9.560   1.00 47.46 ? 116 ILE A CA  1 
ATOM   113 C CA  . VAL A 1 123 ? 14.881  -3.512  13.264  1.00 50.32 ? 117 VAL A CA  1 
ATOM   114 C CA  . THR A 1 129 ? 18.252  6.376   13.491  1.00 40.56 ? 123 THR A CA  1 
ATOM   115 C CA  . ASP A 1 130 ? 16.247  9.592   13.011  1.00 35.46 ? 124 ASP A CA  1 
ATOM   116 C CA  . ASP A 1 131 ? 17.788  10.190  9.585   1.00 32.24 ? 125 ASP A CA  1 
ATOM   117 C CA  . HIS A 1 132 ? 16.676  6.753   8.452   1.00 33.16 ? 126 HIS A CA  1 
ATOM   118 C CA  . VAL A 1 133 ? 13.158  7.549   9.690   1.00 25.99 ? 127 VAL A CA  1 
ATOM   119 C CA  . GLN A 1 134 ? 12.962  10.807  7.733   1.00 22.54 ? 128 GLN A CA  1 
ATOM   120 C CA  . PHE A 1 135 ? 14.382  9.094   4.657   1.00 19.74 ? 129 PHE A CA  1 
ATOM   121 C CA  . LEU A 1 136 ? 11.941  6.199   4.882   1.00 20.90 ? 130 LEU A CA  1 
ATOM   122 C CA  . ILE A 1 137 ? 8.848   8.276   5.764   1.00 17.54 ? 131 ILE A CA  1 
ATOM   123 C CA  . TYR A 1 138 ? 9.806   10.878  3.150   1.00 15.22 ? 132 TYR A CA  1 
ATOM   124 C CA  . GLN A 1 139 ? 9.771   8.169   0.499   1.00 15.42 ? 133 GLN A CA  1 
ATOM   125 C CA  . ILE A 1 140 ? 6.389   6.824   1.650   1.00 15.10 ? 134 ILE A CA  1 
ATOM   126 C CA  . LEU A 1 141 ? 4.824   10.300  1.466   1.00 15.64 ? 135 LEU A CA  1 
ATOM   127 C CA  . ARG A 1 142 ? 6.466   10.962  -1.878  1.00 16.25 ? 136 ARG A CA  1 
ATOM   128 C CA  . GLY A 1 143 ? 4.897   7.776   -3.196  1.00 15.38 ? 137 GLY A CA  1 
ATOM   129 C CA  . LEU A 1 144 ? 1.550   8.529   -1.535  1.00 15.38 ? 138 LEU A CA  1 
ATOM   130 C CA  . LYS A 1 145 ? 1.470   11.995  -3.122  1.00 15.11 ? 139 LYS A CA  1 
ATOM   131 C CA  . TYR A 1 146 ? 1.790   10.256  -6.464  1.00 12.75 ? 140 TYR A CA  1 
ATOM   132 C CA  . ILE A 1 147 ? -0.980  7.663   -5.919  1.00 17.94 ? 141 ILE A CA  1 
ATOM   133 C CA  . HIS A 1 148 ? -3.391  10.114  -4.235  1.00 17.64 ? 142 HIS A CA  1 
ATOM   134 C CA  . SER A 1 149 ? -3.111  12.507  -7.182  1.00 22.47 ? 143 SER A CA  1 
ATOM   135 C CA  . ALA A 1 150 ? -4.620  9.706   -9.268  1.00 23.43 ? 144 ALA A CA  1 
ATOM   136 C CA  . ASP A 1 151 ? -7.632  9.432   -6.933  1.00 26.00 ? 145 ASP A CA  1 
ATOM   137 C CA  . ILE A 1 152 ? -6.275  6.210   -5.424  1.00 18.62 ? 146 ILE A CA  1 
ATOM   138 C CA  . ILE A 1 153 ? -6.415  5.239   -1.754  1.00 15.94 ? 147 ILE A CA  1 
ATOM   139 C CA  . HIS A 1 154 ? -4.030  2.448   -0.761  1.00 16.54 ? 148 HIS A CA  1 
ATOM   140 C CA  . ARG A 1 155 ? -6.188  1.740   2.335   1.00 23.82 ? 149 ARG A CA  1 
ATOM   141 C CA  . ASP A 1 156 ? -3.968  -0.941  3.821   1.00 22.01 ? 150 ASP A CA  1 
ATOM   142 C CA  . LEU A 1 157 ? -0.587  0.614   4.464   1.00 18.60 ? 151 LEU A CA  1 
ATOM   143 C CA  . LYS A 1 158 ? 1.521   -1.340  6.924   1.00 21.13 ? 152 LYS A CA  1 
ATOM   144 C CA  . PRO A 1 159 ? 5.224   -2.343  7.328   1.00 22.97 ? 153 PRO A CA  1 
ATOM   145 C CA  . SER A 1 160 ? 4.934   -5.508  5.177   1.00 24.73 ? 154 SER A CA  1 
ATOM   146 C CA  . ASN A 1 161 ? 3.494   -3.455  2.279   1.00 22.63 ? 155 ASN A CA  1 
ATOM   147 C CA  . LEU A 1 162 ? 6.623   -1.281  2.157   1.00 18.81 ? 156 LEU A CA  1 
ATOM   148 C CA  . ALA A 1 163 ? 9.516   -2.928  0.332   1.00 19.57 ? 157 ALA A CA  1 
ATOM   149 C CA  . VAL A 1 164 ? 13.024  -1.670  1.161   1.00 25.20 ? 158 VAL A CA  1 
ATOM   150 C CA  . ASN A 1 165 ? 16.202  -2.664  -0.658  1.00 30.69 ? 159 ASN A CA  1 
ATOM   151 C CA  . GLU A 1 166 ? 19.793  -2.607  0.655   1.00 39.33 ? 160 GLU A CA  1 
ATOM   152 C CA  . ASP A 1 167 ? 20.101  1.001   -0.457  1.00 32.90 ? 161 ASP A CA  1 
ATOM   153 C CA  . CYS A 1 168 ? 17.113  2.076   1.690   1.00 30.76 ? 162 CYS A CA  1 
ATOM   154 C CA  . GLU A 1 169 ? 15.092  2.921   -1.399  1.00 26.31 ? 163 GLU A CA  1 
ATOM   155 C CA  . LEU A 1 170 ? 11.425  2.295   -0.576  1.00 20.73 ? 164 LEU A CA  1 
ATOM   156 C CA  . LYS A 1 171 ? 8.485   1.228   -2.732  1.00 20.13 ? 165 LYS A CA  1 
ATOM   157 C CA  . ILE A 1 172 ? 4.845   0.987   -1.733  1.00 17.58 ? 166 ILE A CA  1 
ATOM   158 C CA  . LEU A 1 173 ? 3.334   -2.320  -2.792  1.00 22.80 ? 167 LEU A CA  1 
ATOM   159 C CA  . ASP A 1 174 ? 0.201   -4.444  -2.485  1.00 39.34 ? 168 ASP A CA  1 
ATOM   160 C CA  . PHE A 1 175 ? -2.698  -1.930  -2.188  1.00 41.76 ? 169 PHE A CA  1 
ATOM   161 C CA  . THR A 1 191 ? -3.477  -5.813  10.496  1.00 36.97 ? 185 THR A CA  1 
ATOM   162 C CA  . ARG A 1 192 ? -6.000  -3.390  12.067  1.00 29.02 ? 186 ARG A CA  1 
ATOM   163 C CA  . TRP A 1 193 ? -3.082  -1.836  13.994  1.00 21.15 ? 187 TRP A CA  1 
ATOM   164 C CA  . TYR A 1 194 ? -2.446  0.758   11.259  1.00 17.72 ? 188 TYR A CA  1 
ATOM   165 C CA  . ARG A 1 195 ? -6.084  1.396   10.334  1.00 17.16 ? 189 ARG A CA  1 
ATOM   166 C CA  . ALA A 1 196 ? -7.692  4.790   10.757  1.00 15.53 ? 190 ALA A CA  1 
ATOM   167 C CA  . PRO A 1 197 ? -10.345 5.061   13.525  1.00 17.85 ? 191 PRO A CA  1 
ATOM   168 C CA  . GLU A 1 198 ? -13.158 5.722   11.019  1.00 19.77 ? 192 GLU A CA  1 
ATOM   169 C CA  . ILE A 1 199 ? -12.459 2.341   9.436   1.00 21.89 ? 193 ILE A CA  1 
ATOM   170 C CA  . MET A 1 200 ? -12.854 0.671   12.838  1.00 25.62 ? 194 MET A CA  1 
ATOM   171 C CA  . LEU A 1 201 ? -16.333 2.293   12.845  1.00 21.46 ? 195 LEU A CA  1 
ATOM   172 C CA  . ASN A 1 202 ? -16.930 0.694   9.423   1.00 24.14 ? 196 ASN A CA  1 
ATOM   173 C CA  . TRP A 1 203 ? -17.191 3.946   7.457   1.00 25.28 ? 197 TRP A CA  1 
ATOM   174 C CA  . MET A 1 204 ? -17.258 3.369   3.695   1.00 36.44 ? 198 MET A CA  1 
ATOM   175 C CA  . HIS A 1 205 ? -17.064 6.971   2.477   1.00 33.44 ? 199 HIS A CA  1 
ATOM   176 C CA  . TYR A 1 206 ? -13.612 7.483   3.963   1.00 27.74 ? 200 TYR A CA  1 
ATOM   177 C CA  . ASN A 1 207 ? -10.914 9.317   2.070   1.00 27.61 ? 201 ASN A CA  1 
ATOM   178 C CA  . GLN A 1 208 ? -7.169  9.407   1.387   1.00 20.88 ? 202 GLN A CA  1 
ATOM   179 C CA  . THR A 1 209 ? -6.381  10.607  4.930   1.00 20.91 ? 203 THR A CA  1 
ATOM   180 C CA  . VAL A 1 210 ? -6.681  6.968   6.068   1.00 14.32 ? 204 VAL A CA  1 
ATOM   181 C CA  . ASP A 1 211 ? -3.275  6.393   4.416   1.00 15.01 ? 205 ASP A CA  1 
ATOM   182 C CA  . ILE A 1 212 ? -1.842  9.389   6.282   1.00 15.58 ? 206 ILE A CA  1 
ATOM   183 C CA  . TRP A 1 213 ? -3.139  7.817   9.510   1.00 12.74 ? 207 TRP A CA  1 
ATOM   184 C CA  . SER A 1 214 ? -1.281  4.584   8.662   1.00 12.70 ? 208 SER A CA  1 
ATOM   185 C CA  . VAL A 1 215 ? 1.976   6.457   7.861   1.00 15.90 ? 209 VAL A CA  1 
ATOM   186 C CA  . GLY A 1 216 ? 1.708   8.149   11.259  1.00 13.77 ? 210 GLY A CA  1 
ATOM   187 C CA  . CYS A 1 217 ? 1.318   4.744   12.904  1.00 15.88 ? 211 CYS A CA  1 
ATOM   188 C CA  . ILE A 1 218 ? 4.305   3.463   10.896  1.00 15.95 ? 212 ILE A CA  1 
ATOM   189 C CA  . MET A 1 219 ? 6.468   6.520   11.660  1.00 17.99 ? 213 MET A CA  1 
ATOM   190 C CA  . ALA A 1 220 ? 5.674   6.261   15.387  1.00 20.08 ? 214 ALA A CA  1 
ATOM   191 C CA  . GLU A 1 221 ? 6.747   2.611   15.294  1.00 22.83 ? 215 GLU A CA  1 
ATOM   192 C CA  . LEU A 1 222 ? 10.036  3.371   13.540  1.00 25.61 ? 216 LEU A CA  1 
ATOM   193 C CA  . LEU A 1 223 ? 10.885  6.048   16.090  1.00 25.68 ? 217 LEU A CA  1 
ATOM   194 C CA  . THR A 1 224 ? 9.897   4.055   19.182  1.00 29.41 ? 218 THR A CA  1 
ATOM   195 C CA  . GLY A 1 225 ? 10.352  0.404   18.195  1.00 28.15 ? 219 GLY A CA  1 
ATOM   196 C CA  . ARG A 1 226 ? 6.820   -0.355  19.439  1.00 29.61 ? 220 ARG A CA  1 
ATOM   197 C CA  . THR A 1 227 ? 3.563   -0.563  17.489  1.00 29.79 ? 221 THR A CA  1 
ATOM   198 C CA  . LEU A 1 228 ? 1.508   2.528   18.383  1.00 22.30 ? 222 LEU A CA  1 
ATOM   199 C CA  . PHE A 1 229 ? -1.935  0.938   18.750  1.00 20.08 ? 223 PHE A CA  1 
ATOM   200 C CA  . PRO A 1 230 ? -1.581  -2.859  19.109  1.00 25.39 ? 224 PRO A CA  1 
ATOM   201 C CA  . GLY A 1 231 ? -5.311  -3.657  19.378  1.00 30.45 ? 225 GLY A CA  1 
ATOM   202 C CA  . THR A 1 232 ? -6.648  -7.211  19.870  1.00 29.75 ? 226 THR A CA  1 
ATOM   203 C CA  . ASP A 1 233 ? -9.861  -6.511  17.927  1.00 26.30 ? 227 ASP A CA  1 
ATOM   204 C CA  . HIS A 1 234 ? -11.837 -3.607  16.452  1.00 25.40 ? 228 HIS A CA  1 
ATOM   205 C CA  . ILE A 1 235 ? -13.177 -2.448  19.827  1.00 27.77 ? 229 ILE A CA  1 
ATOM   206 C CA  . ASP A 1 236 ? -9.826  -2.639  21.602  1.00 23.98 ? 230 ASP A CA  1 
ATOM   207 C CA  . GLN A 1 237 ? -8.214  -0.941  18.581  1.00 23.85 ? 231 GLN A CA  1 
ATOM   208 C CA  . LEU A 1 238 ? -10.491 2.105   18.599  1.00 27.22 ? 232 LEU A CA  1 
ATOM   209 C CA  . LYS A 1 239 ? -10.103 2.449   22.389  1.00 30.58 ? 233 LYS A CA  1 
ATOM   210 C CA  . LEU A 1 240 ? -6.283  2.463   22.248  1.00 24.23 ? 234 LEU A CA  1 
ATOM   211 C CA  . ILE A 1 241 ? -6.458  5.216   19.609  1.00 20.96 ? 235 ILE A CA  1 
ATOM   212 C CA  . LEU A 1 242 ? -8.874  7.413   21.554  1.00 20.25 ? 236 LEU A CA  1 
ATOM   213 C CA  . ARG A 1 243 ? -6.532  7.135   24.554  1.00 25.81 ? 237 ARG A CA  1 
ATOM   214 C CA  . LEU A 1 244 ? -3.731  8.875   22.640  1.00 22.76 ? 238 LEU A CA  1 
ATOM   215 C CA  . VAL A 1 245 ? -5.702  11.267  20.513  1.00 19.65 ? 239 VAL A CA  1 
ATOM   216 C CA  . GLY A 1 246 ? -8.562  11.741  22.981  1.00 23.55 ? 240 GLY A CA  1 
ATOM   217 C CA  . THR A 1 247 ? -12.252 11.099  22.286  1.00 28.01 ? 241 THR A CA  1 
ATOM   218 C CA  . PRO A 1 248 ? -14.282 13.031  19.637  1.00 29.94 ? 242 PRO A CA  1 
ATOM   219 C CA  . GLY A 1 249 ? -15.100 16.663  20.326  1.00 34.26 ? 243 GLY A CA  1 
ATOM   220 C CA  . ALA A 1 250 ? -18.335 18.290  19.136  1.00 34.87 ? 244 ALA A CA  1 
ATOM   221 C CA  . GLU A 1 251 ? -16.980 19.382  15.739  1.00 32.16 ? 245 GLU A CA  1 
ATOM   222 C CA  . LEU A 1 252 ? -16.071 15.829  14.694  1.00 25.73 ? 246 LEU A CA  1 
ATOM   223 C CA  . LEU A 1 253 ? -19.225 14.491  16.351  1.00 27.06 ? 247 LEU A CA  1 
ATOM   224 C CA  . LYS A 1 254 ? -21.524 16.601  14.195  1.00 27.62 ? 248 LYS A CA  1 
ATOM   225 C CA  . LYS A 1 255 ? -19.911 15.159  11.047  1.00 24.09 ? 249 LYS A CA  1 
ATOM   226 C CA  . ILE A 1 256 ? -20.630 11.482  11.839  1.00 21.13 ? 250 ILE A CA  1 
ATOM   227 C CA  . SER A 1 257 ? -23.782 10.351  9.977   1.00 27.21 ? 251 SER A CA  1 
ATOM   228 C CA  . SER A 1 258 ? -24.468 7.069   11.738  1.00 31.39 ? 252 SER A CA  1 
ATOM   229 C CA  . GLU A 1 259 ? -26.502 7.347   14.948  1.00 37.17 ? 253 GLU A CA  1 
ATOM   230 C CA  . SER A 1 260 ? -25.275 4.075   16.406  1.00 35.57 ? 254 SER A CA  1 
ATOM   231 C CA  . ALA A 1 261 ? -21.630 4.905   15.642  1.00 31.58 ? 255 ALA A CA  1 
ATOM   232 C CA  . ARG A 1 262 ? -22.178 8.339   17.174  1.00 33.40 ? 256 ARG A CA  1 
ATOM   233 C CA  . ASN A 1 263 ? -23.847 6.919   20.298  1.00 35.89 ? 257 ASN A CA  1 
ATOM   234 C CA  . TYR A 1 264 ? -21.223 4.248   20.855  1.00 33.24 ? 258 TYR A CA  1 
ATOM   235 C CA  . ILE A 1 265 ? -18.472 6.845   20.607  1.00 32.21 ? 259 ILE A CA  1 
ATOM   236 C CA  . GLN A 1 266 ? -20.265 9.334   22.863  1.00 32.52 ? 260 GLN A CA  1 
ATOM   237 C CA  . SER A 1 267 ? -20.983 6.607   25.424  1.00 31.97 ? 261 SER A CA  1 
ATOM   238 C CA  . LEU A 1 268 ? -17.280 5.919   26.036  1.00 32.99 ? 262 LEU A CA  1 
ATOM   239 C CA  . THR A 1 269 ? -15.559 7.893   28.793  1.00 37.55 ? 263 THR A CA  1 
ATOM   240 C CA  . GLN A 1 270 ? -14.302 11.201  27.419  1.00 39.72 ? 264 GLN A CA  1 
ATOM   241 C CA  . MET A 1 271 ? -10.516 11.251  26.960  1.00 35.54 ? 265 MET A CA  1 
ATOM   242 C CA  . PRO A 1 272 ? -8.390  14.386  26.414  1.00 32.72 ? 266 PRO A CA  1 
ATOM   243 C CA  . LYS A 1 273 ? -5.789  14.622  23.647  1.00 32.67 ? 267 LYS A CA  1 
ATOM   244 C CA  . MET A 1 274 ? -2.404  13.587  25.045  1.00 31.03 ? 268 MET A CA  1 
ATOM   245 C CA  . ASN A 1 275 ? 0.753   15.667  24.658  1.00 35.41 ? 269 ASN A CA  1 
ATOM   246 C CA  . PHE A 1 276 ? 2.646   13.870  21.867  1.00 34.49 ? 270 PHE A CA  1 
ATOM   247 C CA  . ALA A 1 277 ? 5.700   15.670  23.265  1.00 38.17 ? 271 ALA A CA  1 
ATOM   248 C CA  . ASN A 1 278 ? 5.365   13.606  26.440  1.00 38.64 ? 272 ASN A CA  1 
ATOM   249 C CA  . VAL A 1 279 ? 4.422   10.395  24.605  1.00 36.80 ? 273 VAL A CA  1 
ATOM   250 C CA  . PHE A 1 280 ? 7.372   10.597  22.211  1.00 34.26 ? 274 PHE A CA  1 
ATOM   251 C CA  . ILE A 1 281 ? 9.505   11.949  25.057  1.00 42.40 ? 275 ILE A CA  1 
ATOM   252 C CA  . GLY A 1 282 ? 12.917  12.343  23.419  1.00 37.93 ? 276 GLY A CA  1 
ATOM   253 C CA  . ALA A 1 283 ? 12.366  12.112  19.661  1.00 30.77 ? 277 ALA A CA  1 
ATOM   254 C CA  . ASN A 1 284 ? 13.329  14.824  17.177  1.00 27.37 ? 278 ASN A CA  1 
ATOM   255 C CA  . PRO A 1 285 ? 10.853  17.646  17.979  1.00 25.77 ? 279 PRO A CA  1 
ATOM   256 C CA  . LEU A 1 286 ? 10.041  18.121  14.283  1.00 24.72 ? 280 LEU A CA  1 
ATOM   257 C CA  . ALA A 1 287 ? 9.106   14.402  14.139  1.00 26.45 ? 281 ALA A CA  1 
ATOM   258 C CA  . VAL A 1 288 ? 6.746   14.823  17.075  1.00 23.42 ? 282 VAL A CA  1 
ATOM   259 C CA  . ASP A 1 289 ? 5.131   17.737  15.252  1.00 22.75 ? 283 ASP A CA  1 
ATOM   260 C CA  . LEU A 1 290 ? 4.606   15.773  12.029  1.00 21.16 ? 284 LEU A CA  1 
ATOM   261 C CA  . LEU A 1 291 ? 3.091   12.873  14.001  1.00 23.01 ? 285 LEU A CA  1 
ATOM   262 C CA  . GLU A 1 292 ? 0.677   15.318  15.656  1.00 27.11 ? 286 GLU A CA  1 
ATOM   263 C CA  . LYS A 1 293 ? -0.435  16.557  12.234  1.00 22.70 ? 287 LYS A CA  1 
ATOM   264 C CA  . MET A 1 294 ? -0.711  13.012  10.920  1.00 18.42 ? 288 MET A CA  1 
ATOM   265 C CA  . LEU A 1 295 ? -2.670  11.553  13.847  1.00 19.17 ? 289 LEU A CA  1 
ATOM   266 C CA  . VAL A 1 296 ? -5.356  14.192  14.361  1.00 21.57 ? 290 VAL A CA  1 
ATOM   267 C CA  . LEU A 1 297 ? -8.629  12.298  15.036  1.00 21.72 ? 291 LEU A CA  1 
ATOM   268 C CA  . ASP A 1 298 ? -10.701 14.375  12.586  1.00 22.59 ? 292 ASP A CA  1 
ATOM   269 C CA  . SER A 1 299 ? -10.027 12.986  9.066   1.00 18.40 ? 293 SER A CA  1 
ATOM   270 C CA  . ASP A 1 300 ? -10.842 16.380  7.581   1.00 20.90 ? 294 ASP A CA  1 
ATOM   271 C CA  . LYS A 1 301 ? -7.994  17.983  9.553   1.00 22.27 ? 295 LYS A CA  1 
ATOM   272 C CA  . ARG A 1 302 ? -5.254  15.457  8.903   1.00 19.40 ? 296 ARG A CA  1 
ATOM   273 C CA  . ILE A 1 303 ? -2.191  16.641  6.989   1.00 15.97 ? 297 ILE A CA  1 
ATOM   274 C CA  . THR A 1 304 ? -2.120  15.608  3.308   1.00 17.12 ? 298 THR A CA  1 
ATOM   275 C CA  . ALA A 1 305 ? 0.786   13.782  1.656   1.00 18.04 ? 299 ALA A CA  1 
ATOM   276 C CA  . ALA A 1 306 ? 1.843   16.771  -0.448  1.00 20.77 ? 300 ALA A CA  1 
ATOM   277 C CA  . GLN A 1 307 ? 1.646   19.033  2.638   1.00 22.49 ? 301 GLN A CA  1 
ATOM   278 C CA  . ALA A 1 308 ? 3.606   16.554  4.760   1.00 20.72 ? 302 ALA A CA  1 
ATOM   279 C CA  . LEU A 1 309 ? 6.410   16.598  2.211   1.00 21.27 ? 303 LEU A CA  1 
ATOM   280 C CA  . ALA A 1 310 ? 6.918   20.340  2.810   1.00 23.48 ? 304 ALA A CA  1 
ATOM   281 C CA  . HIS A 1 311 ? 7.141   19.800  6.557   1.00 24.70 ? 305 HIS A CA  1 
ATOM   282 C CA  . ALA A 1 312 ? 10.417  20.928  8.176   1.00 25.32 ? 306 ALA A CA  1 
ATOM   283 C CA  . TYR A 1 313 ? 11.176  17.351  9.276   1.00 24.34 ? 307 TYR A CA  1 
ATOM   284 C CA  . PHE A 1 314 ? 12.014  16.578  5.653   1.00 24.79 ? 308 PHE A CA  1 
ATOM   285 C CA  . ALA A 1 315 ? 14.138  19.675  5.003   1.00 30.06 ? 309 ALA A CA  1 
ATOM   286 C CA  . GLN A 1 316 ? 17.019  17.319  4.268   1.00 36.17 ? 310 GLN A CA  1 
ATOM   287 C CA  . TYR A 1 317 ? 15.123  15.604  1.402   1.00 27.34 ? 311 TYR A CA  1 
ATOM   288 C CA  . HIS A 1 318 ? 12.213  17.773  0.216   1.00 26.64 ? 312 HIS A CA  1 
ATOM   289 C CA  . ASP A 1 319 ? 12.592  18.826  -3.402  1.00 30.87 ? 313 ASP A CA  1 
ATOM   290 C CA  . PRO A 1 320 ? 9.310   20.264  -4.816  1.00 31.16 ? 314 PRO A CA  1 
ATOM   291 C CA  . ASP A 1 321 ? 10.587  19.790  -8.348  1.00 31.19 ? 315 ASP A CA  1 
ATOM   292 C CA  . ASP A 1 322 ? 11.016  16.059  -7.840  1.00 27.21 ? 316 ASP A CA  1 
ATOM   293 C CA  . GLU A 1 323 ? 7.728   15.048  -6.173  1.00 21.90 ? 317 GLU A CA  1 
ATOM   294 C CA  . PRO A 1 324 ? 5.601   14.376  -9.297  1.00 21.19 ? 318 PRO A CA  1 
ATOM   295 C CA  . VAL A 1 325 ? 1.913   13.548  -9.473  1.00 23.14 ? 319 VAL A CA  1 
ATOM   296 C CA  . ALA A 1 326 ? 0.234   10.865  -11.589 1.00 22.63 ? 320 ALA A CA  1 
ATOM   297 C CA  . ASP A 1 327 ? -1.374  10.813  -15.023 1.00 30.57 ? 321 ASP A CA  1 
ATOM   298 C CA  . PRO A 1 328 ? -5.199  10.633  -14.743 1.00 31.74 ? 322 PRO A CA  1 
ATOM   299 C CA  . TYR A 1 329 ? -6.407  7.187   -13.729 1.00 27.36 ? 323 TYR A CA  1 
ATOM   300 C CA  . ASP A 1 330 ? -9.644  5.893   -15.187 1.00 27.52 ? 324 ASP A CA  1 
ATOM   301 C CA  . GLN A 1 331 ? -11.249 3.612   -12.601 1.00 29.92 ? 325 GLN A CA  1 
ATOM   302 C CA  . SER A 1 332 ? -14.860 3.779   -13.679 1.00 30.81 ? 326 SER A CA  1 
ATOM   303 C CA  . PHE A 1 333 ? -14.633 -0.002  -14.171 1.00 22.06 ? 327 PHE A CA  1 
ATOM   304 C CA  . GLU A 1 334 ? -15.058 -0.239  -10.396 1.00 22.95 ? 328 GLU A CA  1 
ATOM   305 C CA  . SER A 1 335 ? -18.776 0.403   -10.560 1.00 30.57 ? 329 SER A CA  1 
ATOM   306 C CA  . ARG A 1 336 ? -19.263 -2.199  -13.284 1.00 33.47 ? 330 ARG A CA  1 
ATOM   307 C CA  . ASP A 1 337 ? -20.921 -5.592  -12.745 1.00 34.97 ? 331 ASP A CA  1 
ATOM   308 C CA  . LEU A 1 338 ? -19.499 -7.791  -15.476 1.00 29.72 ? 332 LEU A CA  1 
ATOM   309 C CA  . LEU A 1 339 ? -19.205 -11.566 -15.770 1.00 33.10 ? 333 LEU A CA  1 
ATOM   310 C CA  . ILE A 1 340 ? -16.001 -13.531 -15.133 1.00 36.73 ? 334 ILE A CA  1 
ATOM   311 C CA  . ASP A 1 341 ? -15.263 -14.088 -18.817 1.00 36.62 ? 335 ASP A CA  1 
ATOM   312 C CA  . GLU A 1 342 ? -15.729 -10.377 -19.472 1.00 31.23 ? 336 GLU A CA  1 
ATOM   313 C CA  . TRP A 1 343 ? -13.203 -9.301  -16.807 1.00 25.21 ? 337 TRP A CA  1 
ATOM   314 C CA  . LYS A 1 344 ? -11.008 -12.147 -18.092 1.00 28.79 ? 338 LYS A CA  1 
ATOM   315 C CA  . SER A 1 345 ? -11.156 -10.863 -21.675 1.00 27.50 ? 339 SER A CA  1 
ATOM   316 C CA  . LEU A 1 346 ? -10.542 -7.313  -20.414 1.00 27.30 ? 340 LEU A CA  1 
ATOM   317 C CA  . THR A 1 347 ? -7.540  -8.561  -18.441 1.00 22.12 ? 341 THR A CA  1 
ATOM   318 C CA  . TYR A 1 348 ? -6.249  -10.498 -21.474 1.00 29.31 ? 342 TYR A CA  1 
ATOM   319 C CA  . ASP A 1 349 ? -6.263  -7.317  -23.545 1.00 31.09 ? 343 ASP A CA  1 
ATOM   320 C CA  . GLU A 1 350 ? -4.278  -5.487  -20.854 1.00 26.65 ? 344 GLU A CA  1 
ATOM   321 C CA  . VAL A 1 351 ? -1.657  -8.237  -20.822 1.00 26.05 ? 345 VAL A CA  1 
ATOM   322 C CA  . ILE A 1 352 ? -1.425  -8.067  -24.605 1.00 33.19 ? 346 ILE A CA  1 
ATOM   323 C CA  . SER A 1 353 ? -1.338  -4.268  -24.680 1.00 31.23 ? 347 SER A CA  1 
ATOM   324 C CA  . PHE A 1 354 ? 1.591   -4.028  -22.232 1.00 29.38 ? 348 PHE A CA  1 
ATOM   325 C CA  . VAL A 1 355 ? 4.677   -2.062  -23.280 1.00 30.71 ? 349 VAL A CA  1 
ATOM   326 C CA  . PRO A 1 356 ? 7.684   -2.521  -20.966 1.00 31.96 ? 350 PRO A CA  1 
ATOM   327 C CA  . PRO A 1 357 ? 9.609   0.443   -19.547 1.00 37.70 ? 351 PRO A CA  1 
ATOM   328 C CA  . PRO A 1 358 ? 12.768  1.675   -21.336 1.00 42.12 ? 352 PRO A CA  1 
HETATM 329 C C1  . D13 B 2 .   ? 4.803   -8.648  -2.417  1.00 25.77 ? 391 D13 A C1  1 
HETATM 330 N N2  . D13 B 2 .   ? 6.130   -8.641  -2.244  1.00 22.82 ? 391 D13 A N2  1 
HETATM 331 C C3  . D13 B 2 .   ? 6.581   -8.629  -3.454  1.00 23.29 ? 391 D13 A C3  1 
HETATM 332 C C4  . D13 B 2 .   ? 5.533   -8.640  -4.314  1.00 22.43 ? 391 D13 A C4  1 
HETATM 333 N N5  . D13 B 2 .   ? 4.357   -8.648  -3.679  1.00 22.60 ? 391 D13 A N5  1 
HETATM 334 C C6  . D13 B 2 .   ? 8.127   -8.335  -3.784  1.00 23.39 ? 391 D13 A C6  1 
HETATM 335 C C7  . D13 B 2 .   ? 9.113   -9.090  -3.244  1.00 22.12 ? 391 D13 A C7  1 
HETATM 336 C C8  . D13 B 2 .   ? 10.458  -8.874  -3.581  1.00 20.63 ? 391 D13 A C8  1 
HETATM 337 N N9  . D13 B 2 .   ? 10.768  -7.873  -4.474  1.00 19.30 ? 391 D13 A N9  1 
HETATM 338 C C10 . D13 B 2 .   ? 9.754   -7.110  -5.010  1.00 20.28 ? 391 D13 A C10 1 
HETATM 339 C C11 . D13 B 2 .   ? 8.436   -7.355  -4.652  1.00 21.29 ? 391 D13 A C11 1 
HETATM 340 C C12 . D13 B 2 .   ? 5.600   -8.667  -5.846  1.00 22.73 ? 391 D13 A C12 1 
HETATM 341 C C13 . D13 B 2 .   ? 4.714   -7.886  -6.517  1.00 23.79 ? 391 D13 A C13 1 
HETATM 342 C C14 . D13 B 2 .   ? 4.647   -7.932  -7.860  1.00 23.84 ? 391 D13 A C14 1 
HETATM 343 I I14 . D13 B 2 .   ? 3.276   -6.734  -8.904  1.00 33.82 ? 391 D13 A I14 1 
HETATM 344 C C15 . D13 B 2 .   ? 5.458   -8.749  -8.547  1.00 21.57 ? 391 D13 A C15 1 
HETATM 345 C C16 . D13 B 2 .   ? 6.362   -9.542  -7.883  1.00 19.85 ? 391 D13 A C16 1 
HETATM 346 C C17 . D13 B 2 .   ? 6.428   -9.496  -6.508  1.00 21.33 ? 391 D13 A C17 1 
HETATM 347 C C18 . D13 B 2 .   ? 3.883   -8.645  -1.155  1.00 27.22 ? 391 D13 A C18 1 
HETATM 348 C C19 . D13 B 2 .   ? 2.610   -8.982  -1.261  1.00 30.26 ? 391 D13 A C19 1 
HETATM 349 C C20 . D13 B 2 .   ? 1.792   -9.004  -0.112  1.00 31.11 ? 391 D13 A C20 1 
HETATM 350 C C21 . D13 B 2 .   ? 2.306   -8.657  1.114   1.00 32.41 ? 391 D13 A C21 1 
HETATM 351 C C22 . D13 B 2 .   ? 3.592   -8.311  1.208   1.00 28.70 ? 391 D13 A C22 1 
HETATM 352 C C23 . D13 B 2 .   ? 4.384   -8.305  0.056   1.00 28.24 ? 391 D13 A C23 1 
HETATM 353 S S24 . D13 B 2 .   ? 1.184   -8.711  2.520   1.00 35.67 ? 391 D13 A S24 1 
HETATM 354 O O24 . D13 B 2 .   ? 1.304   -7.554  3.353   1.00 36.37 ? 391 D13 A O24 1 
HETATM 355 C C25 . D13 B 2 .   ? 1.235   -10.276 3.301   1.00 35.26 ? 391 D13 A C25 1 
HETATM 356 C C1  . D13 C 2 .   ? -17.761 8.557   10.302  1.00 18.49 ? 392 D13 A C1  1 
HETATM 357 N N2  . D13 C 2 .   ? -17.831 9.710   9.651   1.00 17.89 ? 392 D13 A N2  1 
HETATM 358 C C3  . D13 C 2 .   ? -16.736 10.310  10.106  1.00 18.15 ? 392 D13 A C3  1 
HETATM 359 C C4  . D13 C 2 .   ? -16.091 9.511   10.965  1.00 19.22 ? 392 D13 A C4  1 
HETATM 360 N N5  . D13 C 2 .   ? -16.722 8.384   11.114  1.00 20.09 ? 392 D13 A N5  1 
HETATM 361 C C6  . D13 C 2 .   ? -16.324 11.738  9.592   1.00 18.67 ? 392 D13 A C6  1 
HETATM 362 C C7  . D13 C 2 .   ? -16.942 12.210  8.492   1.00 18.17 ? 392 D13 A C7  1 
HETATM 363 C C8  . D13 C 2 .   ? -16.601 13.444  7.954   1.00 16.15 ? 392 D13 A C8  1 
HETATM 364 N N9  . D13 C 2 .   ? -15.612 14.189  8.571   1.00 14.99 ? 392 D13 A N9  1 
HETATM 365 C C10 . D13 C 2 .   ? -14.988 13.699  9.700   1.00 12.98 ? 392 D13 A C10 1 
HETATM 366 C C11 . D13 C 2 .   ? -15.355 12.472  10.199  1.00 16.54 ? 392 D13 A C11 1 
HETATM 367 C C12 . D13 C 2 .   ? -14.747 9.719   11.757  1.00 20.11 ? 392 D13 A C12 1 
HETATM 368 C C13 . D13 C 2 .   ? -14.725 9.294   13.025  1.00 22.85 ? 392 D13 A C13 1 
HETATM 369 C C14 . D13 C 2 .   ? -13.623 9.341   13.773  1.00 21.42 ? 392 D13 A C14 1 
HETATM 370 I I14 . D13 C 2 .   ? -13.783 8.677   15.711  1.00 33.70 ? 392 D13 A I14 1 
HETATM 371 C C15 . D13 C 2 .   ? -12.455 9.834   13.280  1.00 20.93 ? 392 D13 A C15 1 
HETATM 372 C C16 . D13 C 2 .   ? -12.428 10.291  11.971  1.00 20.57 ? 392 D13 A C16 1 
HETATM 373 C C17 . D13 C 2 .   ? -13.605 10.233  11.198  1.00 21.98 ? 392 D13 A C17 1 
HETATM 374 C C18 . D13 C 2 .   ? -18.820 7.434   10.141  1.00 19.04 ? 392 D13 A C18 1 
HETATM 375 C C19 . D13 C 2 .   ? -18.579 6.213   10.680  1.00 19.16 ? 392 D13 A C19 1 
HETATM 376 C C20 . D13 C 2 .   ? -19.474 5.181   10.479  1.00 22.41 ? 392 D13 A C20 1 
HETATM 377 C C21 . D13 C 2 .   ? -20.591 5.396   9.743   1.00 24.43 ? 392 D13 A C21 1 
HETATM 378 C C22 . D13 C 2 .   ? -20.827 6.618   9.216   1.00 22.35 ? 392 D13 A C22 1 
HETATM 379 C C23 . D13 C 2 .   ? -19.924 7.658   9.423   1.00 19.50 ? 392 D13 A C23 1 
HETATM 380 S S24 . D13 C 2 .   ? -21.742 4.069   9.428   1.00 27.23 ? 392 D13 A S24 1 
HETATM 381 O O24 . D13 C 2 .   ? -21.877 3.222   10.543  1.00 28.68 ? 392 D13 A O24 1 
HETATM 382 C C25 . D13 C 2 .   ? -21.405 3.271   7.927   1.00 28.86 ? 392 D13 A C25 1 
HETATM 383 C C1  . D13 D 2 .   ? -20.915 -1.404  21.647  1.00 53.45 ? 393 D13 A C1  1 
HETATM 384 N N2  . D13 D 2 .   ? -22.027 -0.703  21.987  1.00 52.35 ? 393 D13 A N2  1 
HETATM 385 C C3  . D13 D 2 .   ? -22.376 -0.240  20.754  1.00 50.66 ? 393 D13 A C3  1 
HETATM 386 C C4  . D13 D 2 .   ? -21.500 -0.673  19.798  1.00 52.44 ? 393 D13 A C4  1 
HETATM 387 N N5  . D13 D 2 .   ? -20.586 -1.435  20.361  1.00 52.61 ? 393 D13 A N5  1 
HETATM 388 C C6  . D13 D 2 .   ? -23.421 0.899   20.654  1.00 48.79 ? 393 D13 A C6  1 
HETATM 389 C C7  . D13 D 2 .   ? -23.714 1.514   21.807  1.00 46.11 ? 393 D13 A C7  1 
HETATM 390 C C8  . D13 D 2 .   ? -24.696 2.479   21.851  1.00 46.31 ? 393 D13 A C8  1 
HETATM 391 N N9  . D13 D 2 .   ? -25.378 2.803   20.677  1.00 46.93 ? 393 D13 A N9  1 
HETATM 392 C C10 . D13 D 2 .   ? -25.065 2.163   19.491  1.00 45.46 ? 393 D13 A C10 1 
HETATM 393 C C11 . D13 D 2 .   ? -24.074 1.205   19.505  1.00 46.55 ? 393 D13 A C11 1 
HETATM 394 C C12 . D13 D 2 .   ? -21.227 -0.132  18.338  1.00 54.84 ? 393 D13 A C12 1 
HETATM 395 C C13 . D13 D 2 .   ? -19.963 -0.084  17.979  1.00 58.50 ? 393 D13 A C13 1 
HETATM 396 C C14 . D13 D 2 .   ? -19.552 0.439   16.830  1.00 60.13 ? 393 D13 A C14 1 
HETATM 397 I I14 . D13 D 2 .   ? -17.525 0.313   16.476  1.00 74.42 ? 393 D13 A I14 1 
HETATM 398 C C15 . D13 D 2 .   ? -20.414 0.956   15.948  1.00 57.56 ? 393 D13 A C15 1 
HETATM 399 C C16 . D13 D 2 .   ? -21.771 0.920   16.286  1.00 55.28 ? 393 D13 A C16 1 
HETATM 400 C C17 . D13 D 2 .   ? -22.160 0.350   17.509  1.00 54.83 ? 393 D13 A C17 1 
HETATM 401 C C18 . D13 D 2 .   ? -19.985 -2.058  22.681  1.00 55.54 ? 393 D13 A C18 1 
HETATM 402 C C19 . D13 D 2 .   ? -19.392 -3.230  22.415  1.00 56.39 ? 393 D13 A C19 1 
HETATM 403 C C20 . D13 D 2 .   ? -18.474 -3.806  23.305  1.00 60.09 ? 393 D13 A C20 1 
HETATM 404 C C21 . D13 D 2 .   ? -18.183 -3.156  24.455  1.00 61.80 ? 393 D13 A C21 1 
HETATM 405 C C22 . D13 D 2 .   ? -18.803 -1.952  24.736  1.00 60.67 ? 393 D13 A C22 1 
HETATM 406 C C23 . D13 D 2 .   ? -19.721 -1.406  23.805  1.00 57.76 ? 393 D13 A C23 1 
HETATM 407 S S24 . D13 D 2 .   ? -16.989 -3.801  25.599  1.00 64.40 ? 393 D13 A S24 1 
HETATM 408 O O24 . D13 D 2 .   ? -15.686 -3.108  25.426  1.00 64.66 ? 393 D13 A O24 1 
HETATM 409 C C25 . D13 D 2 .   ? -16.964 -5.545  25.643  1.00 63.12 ? 393 D13 A C25 1 
# 
